data_3ORH
#
_entry.id   3ORH
#
_cell.length_a   200.327
_cell.length_b   200.327
_cell.length_c   52.060
_cell.angle_alpha   90.000
_cell.angle_beta   90.000
_cell.angle_gamma   120.000
#
_symmetry.space_group_name_H-M   'P 64'
#
loop_
_entity.id
_entity.type
_entity.pdbx_description
1 polymer 'Guanidinoacetate N-methyltransferase'
2 non-polymer S-ADENOSYL-L-HOMOCYSTEINE
3 water water
#
_entity_poly.entity_id   1
_entity_poly.type   'polypeptide(L)'
_entity_poly.pdbx_seq_one_letter_code
;MSAPSATPIFAPGENCSPAWGAAPAAYDAADTHLRILGKPVMERWETPYMHALAAAASSKGGRVLEVGFGMAIAASKVQE
APIDEHWIIECNDGVFQRLRDWAPRQTHKVIPLKGLWEDVAPTLPDGHFDGILYDTYPLSEETWHTHQFNFIKNHAFRLL
KPGGVLTYCNLTSWGELMKSKYSDITIMFEETQVPALLEAGFRRENIRTEVMALVPPADCRYYAFPQMITPLVTKG
;
_entity_poly.pdbx_strand_id   A,B,C,D
#
# COMPACT_ATOMS: atom_id res chain seq x y z
N THR A 7 -4.31 4.21 9.86
CA THR A 7 -4.08 5.35 8.99
C THR A 7 -4.55 6.65 9.68
N PRO A 8 -3.74 7.74 9.66
CA PRO A 8 -4.19 8.98 10.31
C PRO A 8 -5.30 9.64 9.49
N ILE A 9 -6.16 10.44 10.16
CA ILE A 9 -7.29 11.13 9.53
C ILE A 9 -6.75 12.10 8.48
N PHE A 10 -5.59 12.72 8.79
CA PHE A 10 -4.87 13.62 7.92
C PHE A 10 -3.46 13.11 7.61
N ALA A 11 -3.07 13.16 6.32
CA ALA A 11 -1.74 12.76 5.88
C ALA A 11 -0.80 13.98 6.01
N PRO A 12 0.54 13.81 6.14
CA PRO A 12 1.42 14.99 6.18
C PRO A 12 1.24 15.90 4.96
N GLY A 13 1.09 17.20 5.21
CA GLY A 13 0.93 18.24 4.22
C GLY A 13 -0.45 18.32 3.58
N GLU A 14 -1.42 17.54 4.09
CA GLU A 14 -2.77 17.50 3.54
C GLU A 14 -3.51 18.79 3.87
N ASN A 15 -4.13 19.38 2.83
CA ASN A 15 -4.93 20.59 2.97
C ASN A 15 -6.23 20.34 2.20
N CYS A 16 -7.36 20.31 2.93
CA CYS A 16 -8.70 20.07 2.38
C CYS A 16 -9.54 21.36 2.27
N SER A 17 -9.08 22.48 2.84
CA SER A 17 -9.86 23.74 2.83
C SER A 17 -10.46 24.17 1.46
N PRO A 18 -9.70 24.29 0.32
CA PRO A 18 -10.33 24.73 -0.94
C PRO A 18 -11.34 23.73 -1.54
N ALA A 19 -11.29 22.47 -1.11
CA ALA A 19 -12.19 21.41 -1.60
C ALA A 19 -13.43 21.18 -0.73
N TRP A 20 -13.45 21.68 0.51
CA TRP A 20 -14.53 21.43 1.47
C TRP A 20 -15.91 21.88 1.00
N GLY A 21 -15.98 23.07 0.40
CA GLY A 21 -17.23 23.64 -0.09
C GLY A 21 -17.97 22.78 -1.08
N ALA A 22 -17.27 22.29 -2.13
CA ALA A 22 -17.84 21.49 -3.21
C ALA A 22 -17.84 19.96 -2.97
N ALA A 23 -17.23 19.49 -1.86
CA ALA A 23 -17.15 18.06 -1.53
C ALA A 23 -18.53 17.49 -1.17
N PRO A 24 -18.94 16.35 -1.77
CA PRO A 24 -20.24 15.77 -1.41
C PRO A 24 -20.33 15.41 0.07
N ALA A 25 -21.48 15.73 0.70
CA ALA A 25 -21.72 15.44 2.10
C ALA A 25 -22.39 14.06 2.17
N ALA A 26 -21.72 13.10 2.84
CA ALA A 26 -22.25 11.74 2.94
C ALA A 26 -22.91 11.46 4.28
N TYR A 27 -24.25 11.57 4.32
CA TYR A 27 -25.05 11.25 5.50
C TYR A 27 -25.54 9.82 5.27
N ASP A 28 -25.24 8.90 6.19
CA ASP A 28 -25.69 7.51 6.01
C ASP A 28 -27.22 7.41 6.20
N ALA A 29 -27.82 6.36 5.63
CA ALA A 29 -29.25 6.08 5.67
C ALA A 29 -29.80 5.99 7.10
N ALA A 30 -29.02 5.44 8.04
CA ALA A 30 -29.39 5.33 9.46
C ALA A 30 -29.34 6.67 10.19
N ASP A 31 -28.81 7.72 9.53
CA ASP A 31 -28.62 9.08 10.04
C ASP A 31 -27.87 9.08 11.39
N THR A 32 -26.72 8.40 11.44
CA THR A 32 -25.90 8.33 12.65
C THR A 32 -24.50 8.90 12.41
N HIS A 33 -24.15 9.15 11.14
CA HIS A 33 -22.85 9.74 10.82
C HIS A 33 -22.92 10.67 9.63
N LEU A 34 -21.92 11.54 9.58
CA LEU A 34 -21.68 12.48 8.48
C LEU A 34 -20.21 12.35 8.13
N ARG A 35 -19.91 12.06 6.87
CA ARG A 35 -18.54 11.98 6.35
C ARG A 35 -18.41 12.89 5.17
N ILE A 36 -17.29 13.64 5.12
CA ILE A 36 -16.95 14.57 4.04
C ILE A 36 -15.49 14.26 3.71
N LEU A 37 -15.20 14.01 2.43
CA LEU A 37 -13.87 13.63 1.93
C LEU A 37 -13.30 12.41 2.73
N GLY A 38 -14.19 11.47 3.07
CA GLY A 38 -13.84 10.25 3.80
C GLY A 38 -13.44 10.47 5.26
N LYS A 39 -13.63 11.70 5.78
CA LYS A 39 -13.29 12.05 7.15
C LYS A 39 -14.52 11.84 8.06
N PRO A 40 -14.36 11.33 9.31
CA PRO A 40 -15.52 11.17 10.21
C PRO A 40 -15.82 12.50 10.89
N VAL A 41 -16.63 13.34 10.21
CA VAL A 41 -16.94 14.70 10.64
C VAL A 41 -17.86 14.78 11.87
N MET A 42 -18.96 14.02 11.87
CA MET A 42 -19.92 14.04 12.97
C MET A 42 -20.55 12.66 13.15
N GLU A 43 -20.82 12.30 14.42
CA GLU A 43 -21.45 11.03 14.79
C GLU A 43 -22.48 11.27 15.89
N ARG A 44 -23.64 10.61 15.79
CA ARG A 44 -24.75 10.78 16.72
C ARG A 44 -24.43 10.37 18.18
N TRP A 45 -23.39 9.53 18.46
CA TRP A 45 -23.05 9.17 19.86
C TRP A 45 -22.69 10.42 20.69
N GLU A 46 -22.23 11.49 20.00
CA GLU A 46 -21.84 12.77 20.60
C GLU A 46 -23.01 13.58 21.16
N THR A 47 -24.27 13.21 20.86
CA THR A 47 -25.49 13.92 21.25
C THR A 47 -25.49 14.52 22.70
N PRO A 48 -25.23 13.77 23.80
CA PRO A 48 -25.27 14.41 25.13
C PRO A 48 -24.27 15.57 25.26
N TYR A 49 -23.10 15.41 24.62
CA TYR A 49 -22.04 16.45 24.62
C TYR A 49 -22.47 17.66 23.78
N MET A 50 -23.02 17.42 22.58
CA MET A 50 -23.54 18.51 21.73
C MET A 50 -24.61 19.31 22.49
N HIS A 51 -25.42 18.62 23.34
CA HIS A 51 -26.45 19.28 24.16
C HIS A 51 -25.79 20.18 25.24
N ALA A 52 -24.66 19.74 25.84
CA ALA A 52 -23.91 20.53 26.83
C ALA A 52 -23.33 21.81 26.20
N LEU A 53 -22.76 21.73 24.96
CA LEU A 53 -22.25 22.91 24.24
C LEU A 53 -23.41 23.85 23.88
N ALA A 54 -24.53 23.29 23.38
CA ALA A 54 -25.71 24.08 23.02
C ALA A 54 -26.23 24.86 24.23
N ALA A 55 -26.34 24.20 25.41
CA ALA A 55 -26.79 24.85 26.66
C ALA A 55 -25.87 26.00 27.06
N ALA A 56 -24.53 25.81 26.92
CA ALA A 56 -23.53 26.82 27.22
C ALA A 56 -23.64 28.04 26.29
N ALA A 57 -23.71 27.83 24.96
CA ALA A 57 -23.80 28.93 23.99
C ALA A 57 -25.12 29.69 24.07
N SER A 58 -26.21 29.01 24.49
CA SER A 58 -27.53 29.61 24.57
C SER A 58 -27.91 30.06 26.00
N SER A 59 -26.97 29.94 26.96
CA SER A 59 -27.16 30.28 28.38
C SER A 59 -27.49 31.75 28.65
N LYS A 60 -27.12 32.68 27.75
CA LYS A 60 -27.37 34.13 27.91
C LYS A 60 -28.56 34.61 27.05
N GLY A 61 -29.20 33.68 26.35
CA GLY A 61 -30.30 33.97 25.43
C GLY A 61 -29.80 34.80 24.26
N GLY A 62 -30.64 35.74 23.82
CA GLY A 62 -30.32 36.71 22.77
C GLY A 62 -29.87 36.14 21.44
N ARG A 63 -28.75 36.69 20.90
CA ARG A 63 -28.21 36.30 19.59
C ARG A 63 -27.09 35.28 19.76
N VAL A 64 -27.29 34.09 19.17
CA VAL A 64 -26.32 33.00 19.26
C VAL A 64 -25.71 32.74 17.87
N LEU A 65 -24.38 32.69 17.80
CA LEU A 65 -23.68 32.37 16.58
C LEU A 65 -23.18 30.92 16.67
N GLU A 66 -23.53 30.11 15.69
CA GLU A 66 -23.08 28.71 15.66
C GLU A 66 -22.25 28.53 14.39
N VAL A 67 -21.03 28.00 14.55
CA VAL A 67 -20.10 27.79 13.43
C VAL A 67 -19.98 26.28 13.20
N GLY A 68 -20.54 25.82 12.09
CA GLY A 68 -20.59 24.41 11.71
C GLY A 68 -21.95 23.84 12.04
N PHE A 69 -22.71 23.41 11.01
CA PHE A 69 -24.07 22.90 11.22
C PHE A 69 -24.13 21.38 11.45
N GLY A 70 -23.33 20.62 10.70
CA GLY A 70 -23.20 19.17 10.80
C GLY A 70 -24.50 18.40 10.66
N MET A 71 -24.90 17.72 11.75
CA MET A 71 -26.11 16.89 11.81
C MET A 71 -27.27 17.61 12.51
N ALA A 72 -27.16 18.95 12.74
CA ALA A 72 -28.17 19.79 13.42
C ALA A 72 -28.44 19.36 14.89
N ILE A 73 -27.55 18.59 15.52
CA ILE A 73 -27.76 18.11 16.89
C ILE A 73 -27.65 19.28 17.90
N ALA A 74 -26.50 20.01 17.91
CA ALA A 74 -26.34 21.18 18.78
C ALA A 74 -27.37 22.27 18.40
N ALA A 75 -27.59 22.49 17.10
CA ALA A 75 -28.51 23.51 16.60
C ALA A 75 -29.95 23.30 17.09
N SER A 76 -30.44 22.04 17.11
CA SER A 76 -31.80 21.75 17.57
C SER A 76 -31.93 21.98 19.08
N LYS A 77 -30.85 21.75 19.83
CA LYS A 77 -30.84 22.00 21.28
C LYS A 77 -30.77 23.52 21.55
N VAL A 78 -30.00 24.30 20.73
CA VAL A 78 -29.94 25.77 20.87
C VAL A 78 -31.37 26.35 20.74
N GLN A 79 -32.14 25.82 19.77
CA GLN A 79 -33.52 26.22 19.44
C GLN A 79 -34.52 25.97 20.57
N GLU A 80 -34.19 25.08 21.53
CA GLU A 80 -35.02 24.78 22.71
C GLU A 80 -34.91 25.88 23.79
N ALA A 81 -33.86 26.72 23.72
CA ALA A 81 -33.61 27.78 24.70
C ALA A 81 -34.34 29.08 24.30
N PRO A 82 -34.68 30.00 25.25
CA PRO A 82 -35.36 31.24 24.86
C PRO A 82 -34.40 32.28 24.25
N ILE A 83 -33.98 32.02 23.00
CA ILE A 83 -33.06 32.89 22.25
C ILE A 83 -33.88 33.80 21.30
N ASP A 84 -33.22 34.84 20.73
CA ASP A 84 -33.86 35.79 19.80
C ASP A 84 -33.49 35.51 18.34
N GLU A 85 -32.20 35.22 18.09
CA GLU A 85 -31.67 34.96 16.75
C GLU A 85 -30.64 33.83 16.82
N HIS A 86 -30.60 33.01 15.78
CA HIS A 86 -29.68 31.88 15.66
C HIS A 86 -28.94 32.03 14.31
N TRP A 87 -27.71 32.59 14.36
CA TRP A 87 -26.88 32.76 13.17
C TRP A 87 -26.07 31.48 13.00
N ILE A 88 -26.02 30.93 11.78
CA ILE A 88 -25.33 29.67 11.50
C ILE A 88 -24.46 29.78 10.27
N ILE A 89 -23.14 29.57 10.44
CA ILE A 89 -22.16 29.58 9.36
C ILE A 89 -21.83 28.12 8.98
N GLU A 90 -21.90 27.82 7.68
CA GLU A 90 -21.60 26.48 7.19
C GLU A 90 -20.92 26.56 5.83
N CYS A 91 -19.76 25.89 5.70
CA CYS A 91 -18.97 25.87 4.47
C CYS A 91 -19.49 24.92 3.40
N ASN A 92 -19.67 23.63 3.74
CA ASN A 92 -20.03 22.59 2.78
C ASN A 92 -21.43 22.83 2.16
N ASP A 93 -21.51 22.89 0.80
CA ASP A 93 -22.77 23.08 0.03
C ASP A 93 -23.84 22.06 0.40
N GLY A 94 -23.45 20.78 0.53
CA GLY A 94 -24.35 19.69 0.90
C GLY A 94 -24.96 19.87 2.28
N VAL A 95 -24.13 20.23 3.28
CA VAL A 95 -24.61 20.49 4.64
C VAL A 95 -25.47 21.77 4.64
N PHE A 96 -25.05 22.80 3.86
CA PHE A 96 -25.79 24.06 3.78
C PHE A 96 -27.21 23.84 3.24
N GLN A 97 -27.39 22.86 2.30
CA GLN A 97 -28.73 22.57 1.79
C GLN A 97 -29.60 21.97 2.90
N ARG A 98 -29.01 21.13 3.78
CA ARG A 98 -29.69 20.56 4.94
C ARG A 98 -30.08 21.71 5.91
N LEU A 99 -29.19 22.72 6.10
CA LEU A 99 -29.46 23.89 6.94
C LEU A 99 -30.64 24.69 6.37
N ARG A 100 -30.62 24.90 5.05
CA ARG A 100 -31.65 25.62 4.29
C ARG A 100 -33.03 24.99 4.47
N ASP A 101 -33.14 23.62 4.48
CA ASP A 101 -34.39 22.88 4.68
C ASP A 101 -34.85 22.89 6.15
N TRP A 102 -33.89 22.91 7.10
CA TRP A 102 -34.13 22.88 8.55
C TRP A 102 -34.60 24.25 9.10
N ALA A 103 -33.97 25.34 8.65
CA ALA A 103 -34.23 26.70 9.13
C ALA A 103 -35.70 27.18 9.13
N PRO A 104 -36.54 26.94 8.09
CA PRO A 104 -37.92 27.48 8.11
C PRO A 104 -38.82 27.00 9.24
N ARG A 105 -38.70 25.72 9.63
CA ARG A 105 -39.53 25.12 10.68
C ARG A 105 -39.12 25.50 12.10
N GLN A 106 -38.01 26.25 12.27
CA GLN A 106 -37.53 26.59 13.60
C GLN A 106 -38.32 27.72 14.26
N THR A 107 -38.44 27.63 15.59
CA THR A 107 -39.16 28.56 16.46
C THR A 107 -38.48 29.95 16.46
N HIS A 108 -37.15 29.96 16.63
CA HIS A 108 -36.39 31.22 16.69
C HIS A 108 -35.71 31.47 15.34
N LYS A 109 -35.74 32.72 14.88
CA LYS A 109 -35.21 33.15 13.57
C LYS A 109 -33.81 32.63 13.32
N VAL A 110 -33.62 31.92 12.22
CA VAL A 110 -32.33 31.38 11.79
C VAL A 110 -31.77 32.27 10.70
N ILE A 111 -30.48 32.64 10.82
CA ILE A 111 -29.75 33.48 9.85
C ILE A 111 -28.66 32.58 9.23
N PRO A 112 -28.95 31.92 8.08
CA PRO A 112 -27.96 31.00 7.48
C PRO A 112 -26.98 31.68 6.52
N LEU A 113 -25.68 31.42 6.71
CA LEU A 113 -24.64 32.01 5.87
C LEU A 113 -23.73 30.91 5.35
N LYS A 114 -23.47 30.93 4.03
CA LYS A 114 -22.67 29.90 3.38
C LYS A 114 -21.23 30.31 3.15
N GLY A 115 -20.31 29.50 3.63
CA GLY A 115 -18.87 29.68 3.42
C GLY A 115 -17.99 29.27 4.57
N LEU A 116 -16.67 29.34 4.35
CA LEU A 116 -15.69 29.10 5.40
C LEU A 116 -15.84 30.23 6.41
N TRP A 117 -15.75 29.94 7.73
CA TRP A 117 -15.83 31.03 8.70
C TRP A 117 -14.69 32.04 8.43
N GLU A 118 -13.56 31.57 7.82
CA GLU A 118 -12.40 32.41 7.50
C GLU A 118 -12.82 33.56 6.58
N ASP A 119 -13.82 33.32 5.70
CA ASP A 119 -14.38 34.26 4.74
C ASP A 119 -15.63 34.98 5.26
N VAL A 120 -16.50 34.28 6.00
CA VAL A 120 -17.77 34.80 6.48
C VAL A 120 -17.63 35.63 7.78
N ALA A 121 -16.90 35.12 8.79
CA ALA A 121 -16.75 35.82 10.09
C ALA A 121 -16.28 37.32 9.94
N PRO A 122 -15.36 37.71 9.02
CA PRO A 122 -14.99 39.12 8.88
C PRO A 122 -16.15 40.05 8.50
N THR A 123 -17.27 39.50 7.97
CA THR A 123 -18.44 40.26 7.57
C THR A 123 -19.45 40.47 8.72
N LEU A 124 -19.26 39.74 9.83
CA LEU A 124 -20.16 39.81 10.98
C LEU A 124 -19.88 41.04 11.89
N PRO A 125 -20.94 41.65 12.48
CA PRO A 125 -20.74 42.86 13.31
C PRO A 125 -20.11 42.60 14.68
N ASP A 126 -19.20 43.51 15.10
CA ASP A 126 -18.52 43.49 16.40
C ASP A 126 -19.53 43.60 17.55
N GLY A 127 -19.23 42.94 18.68
CA GLY A 127 -20.03 42.93 19.91
C GLY A 127 -21.52 42.74 19.71
N HIS A 128 -21.90 41.80 18.84
CA HIS A 128 -23.29 41.55 18.47
C HIS A 128 -23.88 40.27 19.07
N PHE A 129 -23.03 39.36 19.55
CA PHE A 129 -23.49 38.03 19.97
C PHE A 129 -23.39 37.79 21.45
N ASP A 130 -24.48 37.22 22.01
CA ASP A 130 -24.57 36.85 23.43
C ASP A 130 -23.87 35.52 23.68
N GLY A 131 -23.83 34.69 22.66
CA GLY A 131 -23.21 33.38 22.73
C GLY A 131 -22.63 32.91 21.41
N ILE A 132 -21.54 32.14 21.49
CA ILE A 132 -20.90 31.55 20.29
C ILE A 132 -20.65 30.07 20.54
N LEU A 133 -21.00 29.21 19.56
CA LEU A 133 -20.72 27.78 19.59
C LEU A 133 -19.84 27.50 18.37
N TYR A 134 -18.54 27.19 18.59
CA TYR A 134 -17.62 26.84 17.51
C TYR A 134 -17.40 25.33 17.50
N ASP A 135 -17.87 24.66 16.45
CA ASP A 135 -17.65 23.22 16.28
C ASP A 135 -17.58 22.93 14.79
N THR A 136 -16.40 23.15 14.21
CA THR A 136 -16.22 22.85 12.81
C THR A 136 -15.43 21.55 12.73
N TYR A 137 -14.42 21.50 11.88
CA TYR A 137 -13.57 20.33 11.68
C TYR A 137 -12.22 20.85 11.19
N PRO A 138 -11.05 20.25 11.55
CA PRO A 138 -9.78 20.77 11.01
C PRO A 138 -9.75 20.63 9.50
N LEU A 139 -9.26 21.65 8.77
CA LEU A 139 -9.23 21.55 7.31
C LEU A 139 -7.82 21.29 6.76
N SER A 140 -6.83 21.12 7.65
CA SER A 140 -5.46 20.78 7.26
C SER A 140 -4.78 20.07 8.37
N GLU A 141 -3.80 19.22 8.02
CA GLU A 141 -3.02 18.45 8.99
C GLU A 141 -2.38 19.36 10.08
N GLU A 142 -1.83 20.51 9.69
CA GLU A 142 -1.10 21.37 10.63
C GLU A 142 -2.02 22.21 11.52
N THR A 143 -3.32 22.26 11.21
CA THR A 143 -4.29 22.98 12.05
C THR A 143 -5.13 21.99 12.87
N TRP A 144 -4.70 20.70 12.92
CA TRP A 144 -5.36 19.62 13.66
C TRP A 144 -5.67 20.02 15.13
N HIS A 145 -4.67 20.55 15.88
CA HIS A 145 -4.86 20.93 17.27
C HIS A 145 -5.13 22.41 17.47
N THR A 146 -5.09 23.23 16.41
CA THR A 146 -5.14 24.68 16.54
C THR A 146 -6.15 25.47 15.71
N HIS A 147 -6.96 24.84 14.83
CA HIS A 147 -7.91 25.60 13.98
C HIS A 147 -8.91 26.48 14.80
N GLN A 148 -9.31 26.02 15.97
CA GLN A 148 -10.22 26.81 16.83
C GLN A 148 -9.58 28.12 17.35
N PHE A 149 -8.25 28.11 17.58
CA PHE A 149 -7.51 29.27 18.09
C PHE A 149 -7.52 30.42 17.10
N ASN A 150 -7.42 30.11 15.79
CA ASN A 150 -7.47 31.10 14.73
C ASN A 150 -8.81 31.81 14.78
N PHE A 151 -9.91 31.05 14.93
CA PHE A 151 -11.23 31.66 15.04
C PHE A 151 -11.38 32.46 16.35
N ILE A 152 -10.98 31.86 17.50
CA ILE A 152 -11.12 32.48 18.82
C ILE A 152 -10.36 33.81 18.90
N LYS A 153 -9.10 33.83 18.42
CA LYS A 153 -8.26 35.03 18.45
C LYS A 153 -8.76 36.13 17.51
N ASN A 154 -9.05 35.78 16.26
CA ASN A 154 -9.46 36.78 15.27
C ASN A 154 -10.94 37.17 15.30
N HIS A 155 -11.83 36.34 15.88
CA HIS A 155 -13.25 36.66 15.80
C HIS A 155 -14.05 36.54 17.08
N ALA A 156 -13.92 35.43 17.86
CA ALA A 156 -14.74 35.21 19.06
C ALA A 156 -14.74 36.41 20.02
N PHE A 157 -13.56 36.98 20.32
CA PHE A 157 -13.43 38.10 21.24
C PHE A 157 -14.15 39.37 20.75
N ARG A 158 -13.89 39.79 19.49
CA ARG A 158 -14.53 40.97 18.92
C ARG A 158 -16.03 40.79 18.70
N LEU A 159 -16.49 39.56 18.36
CA LEU A 159 -17.92 39.30 18.08
C LEU A 159 -18.81 39.27 19.31
N LEU A 160 -18.26 38.86 20.47
CA LEU A 160 -19.05 38.77 21.69
C LEU A 160 -19.38 40.11 22.29
N LYS A 161 -20.57 40.20 22.87
CA LYS A 161 -21.03 41.36 23.64
C LYS A 161 -20.29 41.26 24.98
N PRO A 162 -20.12 42.35 25.78
CA PRO A 162 -19.53 42.19 27.11
C PRO A 162 -20.42 41.24 27.91
N GLY A 163 -19.81 40.27 28.58
CA GLY A 163 -20.55 39.24 29.32
C GLY A 163 -20.98 38.05 28.47
N GLY A 164 -20.72 38.10 27.16
CA GLY A 164 -21.07 37.04 26.22
C GLY A 164 -20.29 35.77 26.48
N VAL A 165 -20.85 34.60 26.09
CA VAL A 165 -20.18 33.32 26.37
C VAL A 165 -19.75 32.58 25.09
N LEU A 166 -18.48 32.14 25.05
CA LEU A 166 -17.96 31.31 23.98
C LEU A 166 -17.82 29.88 24.50
N THR A 167 -18.26 28.92 23.68
CA THR A 167 -18.05 27.49 23.90
C THR A 167 -17.52 26.91 22.58
N TYR A 168 -16.75 25.84 22.64
CA TYR A 168 -16.19 25.22 21.45
C TYR A 168 -15.68 23.85 21.79
N CYS A 169 -15.33 23.09 20.76
CA CYS A 169 -14.70 21.78 20.96
C CYS A 169 -13.87 21.47 19.75
N ASN A 170 -12.93 20.54 19.95
CA ASN A 170 -12.09 19.98 18.90
C ASN A 170 -11.80 18.56 19.37
N LEU A 171 -12.71 17.64 19.03
CA LEU A 171 -12.64 16.24 19.45
C LEU A 171 -11.48 15.44 18.81
N THR A 172 -11.10 15.76 17.56
CA THR A 172 -9.96 15.09 16.88
C THR A 172 -8.68 15.35 17.68
N SER A 173 -8.51 16.59 18.15
CA SER A 173 -7.37 17.01 18.96
C SER A 173 -7.42 16.41 20.33
N TRP A 174 -8.55 16.64 21.02
CA TRP A 174 -8.67 16.21 22.41
C TRP A 174 -8.66 14.68 22.57
N GLY A 175 -9.23 13.96 21.62
CA GLY A 175 -9.24 12.49 21.64
C GLY A 175 -7.84 11.91 21.63
N GLU A 176 -6.98 12.49 20.80
CA GLU A 176 -5.56 12.15 20.63
C GLU A 176 -4.76 12.50 21.87
N LEU A 177 -4.94 13.74 22.38
CA LEU A 177 -4.21 14.22 23.54
C LEU A 177 -4.57 13.43 24.81
N MET A 178 -5.79 12.83 24.87
CA MET A 178 -6.25 12.01 26.00
C MET A 178 -5.80 10.55 25.88
N LYS A 179 -5.25 10.14 24.71
CA LYS A 179 -4.75 8.78 24.47
C LYS A 179 -3.37 8.56 25.10
N SER A 180 -2.47 9.55 25.00
CA SER A 180 -1.12 9.38 25.55
C SER A 180 -0.67 10.50 26.48
N LYS A 181 -0.68 11.76 25.99
CA LYS A 181 -0.16 12.91 26.74
C LYS A 181 -0.88 13.20 28.06
N TYR A 182 -2.20 12.98 28.14
CA TYR A 182 -2.95 13.31 29.37
C TYR A 182 -3.89 12.21 29.82
N SER A 183 -4.10 12.13 31.14
CA SER A 183 -5.03 11.19 31.77
C SER A 183 -6.10 12.00 32.55
N ASP A 184 -5.90 13.31 32.67
CA ASP A 184 -6.81 14.23 33.35
C ASP A 184 -7.24 15.29 32.33
N ILE A 185 -8.55 15.32 32.01
CA ILE A 185 -9.09 16.20 30.96
C ILE A 185 -8.98 17.70 31.33
N THR A 186 -9.08 18.06 32.63
CA THR A 186 -8.96 19.46 33.05
C THR A 186 -7.49 19.93 32.91
N ILE A 187 -6.49 19.02 33.14
CA ILE A 187 -5.05 19.31 32.96
C ILE A 187 -4.78 19.52 31.48
N MET A 188 -5.29 18.63 30.62
CA MET A 188 -5.18 18.75 29.16
C MET A 188 -5.68 20.16 28.72
N PHE A 189 -6.86 20.56 29.21
CA PHE A 189 -7.43 21.86 28.88
C PHE A 189 -6.56 23.01 29.38
N GLU A 190 -6.11 22.94 30.63
CA GLU A 190 -5.26 23.98 31.22
C GLU A 190 -3.96 24.21 30.44
N GLU A 191 -3.29 23.11 30.07
CA GLU A 191 -2.01 23.17 29.39
C GLU A 191 -2.09 23.51 27.91
N THR A 192 -3.07 22.95 27.18
CA THR A 192 -3.15 23.13 25.72
C THR A 192 -4.15 24.20 25.23
N GLN A 193 -5.16 24.58 26.04
CA GLN A 193 -6.18 25.53 25.57
C GLN A 193 -6.11 26.91 26.22
N VAL A 194 -5.92 26.96 27.55
CA VAL A 194 -5.93 28.22 28.32
C VAL A 194 -4.92 29.26 27.76
N PRO A 195 -3.65 28.96 27.42
CA PRO A 195 -2.76 30.02 26.93
C PRO A 195 -3.26 30.74 25.67
N ALA A 196 -3.85 30.01 24.69
CA ALA A 196 -4.39 30.62 23.48
C ALA A 196 -5.62 31.48 23.80
N LEU A 197 -6.46 31.06 24.76
CA LEU A 197 -7.65 31.84 25.15
C LEU A 197 -7.21 33.16 25.83
N LEU A 198 -6.13 33.10 26.66
CA LEU A 198 -5.59 34.29 27.33
C LEU A 198 -5.04 35.28 26.29
N GLU A 199 -4.33 34.75 25.28
CA GLU A 199 -3.76 35.48 24.14
C GLU A 199 -4.86 36.16 23.33
N ALA A 200 -6.02 35.49 23.21
CA ALA A 200 -7.21 36.00 22.52
C ALA A 200 -7.87 37.20 23.21
N GLY A 201 -7.58 37.42 24.49
CA GLY A 201 -8.11 38.54 25.25
C GLY A 201 -8.99 38.16 26.43
N PHE A 202 -9.24 36.87 26.63
CA PHE A 202 -10.06 36.40 27.75
C PHE A 202 -9.24 36.31 29.03
N ARG A 203 -9.86 36.57 30.18
CA ARG A 203 -9.16 36.54 31.47
C ARG A 203 -9.37 35.19 32.11
N ARG A 204 -8.34 34.67 32.83
CA ARG A 204 -8.39 33.37 33.47
C ARG A 204 -9.61 33.17 34.39
N GLU A 205 -9.99 34.23 35.16
CA GLU A 205 -11.13 34.16 36.09
C GLU A 205 -12.46 34.01 35.35
N ASN A 206 -12.45 34.26 34.04
CA ASN A 206 -13.63 34.19 33.19
C ASN A 206 -13.70 32.92 32.35
N ILE A 207 -12.80 31.97 32.63
CA ILE A 207 -12.75 30.68 31.96
C ILE A 207 -13.11 29.60 32.97
N ARG A 208 -14.16 28.82 32.66
CA ARG A 208 -14.58 27.68 33.47
C ARG A 208 -14.76 26.51 32.53
N THR A 209 -14.84 25.32 33.11
CA THR A 209 -15.09 24.11 32.35
C THR A 209 -16.09 23.22 33.07
N GLU A 210 -16.89 22.50 32.29
CA GLU A 210 -17.84 21.52 32.78
C GLU A 210 -17.39 20.17 32.27
N VAL A 211 -17.21 19.21 33.16
CA VAL A 211 -16.84 17.87 32.75
C VAL A 211 -18.13 17.04 32.84
N MET A 212 -18.34 16.12 31.90
CA MET A 212 -19.48 15.21 31.90
C MET A 212 -19.02 13.80 31.56
N ALA A 213 -19.70 12.80 32.12
CA ALA A 213 -19.42 11.41 31.85
C ALA A 213 -20.11 11.03 30.54
N LEU A 214 -19.35 10.43 29.61
CA LEU A 214 -19.81 9.97 28.31
C LEU A 214 -18.78 8.98 27.78
N VAL A 215 -19.19 7.71 27.65
CA VAL A 215 -18.29 6.67 27.14
C VAL A 215 -18.51 6.56 25.61
N PRO A 216 -17.47 6.81 24.78
CA PRO A 216 -17.67 6.71 23.31
C PRO A 216 -17.77 5.26 22.86
N PRO A 217 -18.20 4.95 21.60
CA PRO A 217 -18.21 3.52 21.18
C PRO A 217 -16.79 2.93 21.17
N ALA A 218 -16.65 1.62 21.43
CA ALA A 218 -15.36 0.91 21.45
C ALA A 218 -14.62 1.04 20.12
N ASP A 219 -15.35 1.10 19.00
CA ASP A 219 -14.75 1.19 17.65
C ASP A 219 -14.48 2.64 17.20
N CYS A 220 -14.69 3.64 18.10
CA CYS A 220 -14.42 5.04 17.76
C CYS A 220 -12.90 5.27 17.81
N ARG A 221 -12.30 5.51 16.65
CA ARG A 221 -10.87 5.71 16.46
C ARG A 221 -10.35 7.08 16.94
N TYR A 222 -11.19 8.14 16.85
CA TYR A 222 -10.75 9.50 17.15
C TYR A 222 -10.97 9.97 18.61
N TYR A 223 -11.79 9.25 19.39
CA TYR A 223 -12.03 9.59 20.81
C TYR A 223 -12.25 8.31 21.61
N ALA A 224 -11.54 8.15 22.75
CA ALA A 224 -11.65 6.98 23.63
C ALA A 224 -11.82 7.34 25.10
N PHE A 225 -11.58 8.62 25.46
CA PHE A 225 -11.69 9.08 26.85
C PHE A 225 -13.14 9.02 27.36
N PRO A 226 -13.39 8.54 28.61
CA PRO A 226 -14.79 8.40 29.08
C PRO A 226 -15.39 9.68 29.66
N GLN A 227 -14.82 10.84 29.32
CA GLN A 227 -15.33 12.13 29.76
C GLN A 227 -15.20 13.14 28.63
N MET A 228 -16.07 14.14 28.65
CA MET A 228 -16.09 15.26 27.73
C MET A 228 -15.91 16.52 28.54
N ILE A 229 -15.32 17.55 27.95
CA ILE A 229 -15.12 18.83 28.63
C ILE A 229 -15.79 19.94 27.83
N THR A 230 -16.66 20.72 28.51
CA THR A 230 -17.36 21.84 27.90
C THR A 230 -16.74 23.14 28.41
N PRO A 231 -16.08 23.93 27.55
CA PRO A 231 -15.55 25.21 28.01
C PRO A 231 -16.63 26.28 28.03
N LEU A 232 -16.54 27.21 28.99
CA LEU A 232 -17.41 28.37 29.11
C LEU A 232 -16.45 29.55 29.29
N VAL A 233 -16.25 30.27 28.20
CA VAL A 233 -15.30 31.38 28.11
C VAL A 233 -16.09 32.67 27.98
N THR A 234 -16.13 33.45 29.08
CA THR A 234 -16.90 34.69 29.14
C THR A 234 -16.05 35.93 28.82
N LYS A 235 -16.61 36.85 28.02
CA LYS A 235 -15.95 38.10 27.69
C LYS A 235 -16.16 39.05 28.88
N GLY A 236 -15.09 39.77 29.26
CA GLY A 236 -15.11 40.72 30.37
C GLY A 236 -15.96 41.96 30.13
N PRO B 8 2.31 -10.86 7.62
CA PRO B 8 3.53 -10.10 7.94
C PRO B 8 4.72 -10.58 7.14
N ILE B 9 5.64 -9.66 6.81
CA ILE B 9 6.84 -9.95 6.00
C ILE B 9 7.73 -11.01 6.69
N PHE B 10 7.85 -10.95 8.03
CA PHE B 10 8.57 -11.97 8.78
C PHE B 10 7.63 -12.69 9.71
N ALA B 11 7.84 -14.01 9.86
CA ALA B 11 7.05 -14.82 10.78
C ALA B 11 7.81 -14.91 12.12
N PRO B 12 7.13 -15.07 13.29
CA PRO B 12 7.90 -15.23 14.54
C PRO B 12 8.88 -16.41 14.47
N GLY B 13 10.12 -16.18 14.92
CA GLY B 13 11.17 -17.19 14.91
C GLY B 13 11.85 -17.41 13.57
N GLU B 14 11.45 -16.68 12.51
CA GLU B 14 12.01 -16.83 11.17
C GLU B 14 13.46 -16.33 11.11
N ASN B 15 14.35 -17.12 10.50
CA ASN B 15 15.76 -16.77 10.33
C ASN B 15 16.17 -17.23 8.94
N CYS B 16 16.59 -16.28 8.08
CA CYS B 16 17.00 -16.53 6.69
C CYS B 16 18.51 -16.32 6.46
N SER B 17 19.25 -15.80 7.47
CA SER B 17 20.67 -15.46 7.33
C SER B 17 21.56 -16.56 6.68
N PRO B 18 21.61 -17.84 7.14
CA PRO B 18 22.52 -18.81 6.49
C PRO B 18 22.16 -19.18 5.04
N ALA B 19 20.89 -18.93 4.63
CA ALA B 19 20.36 -19.25 3.31
C ALA B 19 20.43 -18.10 2.29
N TRP B 20 20.66 -16.86 2.77
CA TRP B 20 20.68 -15.67 1.91
C TRP B 20 21.68 -15.69 0.76
N GLY B 21 22.90 -16.15 1.02
CA GLY B 21 23.94 -16.21 0.01
C GLY B 21 23.58 -17.06 -1.20
N ALA B 22 23.09 -18.28 -0.96
CA ALA B 22 22.74 -19.21 -2.05
C ALA B 22 21.34 -19.01 -2.65
N ALA B 23 20.48 -18.16 -2.03
CA ALA B 23 19.12 -17.91 -2.51
C ALA B 23 19.07 -17.20 -3.87
N PRO B 24 18.32 -17.72 -4.87
CA PRO B 24 18.25 -17.04 -6.17
C PRO B 24 17.68 -15.62 -6.06
N ALA B 25 18.28 -14.68 -6.81
CA ALA B 25 17.84 -13.29 -6.81
C ALA B 25 16.86 -13.11 -7.96
N ALA B 26 15.62 -12.73 -7.63
CA ALA B 26 14.57 -12.54 -8.62
C ALA B 26 14.35 -11.07 -8.97
N TYR B 27 14.93 -10.63 -10.11
CA TYR B 27 14.77 -9.27 -10.64
C TYR B 27 13.65 -9.40 -11.68
N ASP B 28 12.53 -8.64 -11.51
CA ASP B 28 11.38 -8.76 -12.43
C ASP B 28 11.72 -8.26 -13.86
N ALA B 29 10.90 -8.63 -14.86
CA ALA B 29 11.12 -8.29 -16.26
C ALA B 29 11.37 -6.79 -16.49
N ALA B 30 10.58 -5.95 -15.85
CA ALA B 30 10.69 -4.49 -16.01
C ALA B 30 11.87 -3.89 -15.24
N ASP B 31 12.57 -4.71 -14.42
CA ASP B 31 13.70 -4.29 -13.57
C ASP B 31 13.27 -3.12 -12.64
N THR B 32 12.14 -3.33 -11.94
CA THR B 32 11.60 -2.35 -10.99
C THR B 32 11.53 -2.97 -9.60
N HIS B 33 11.63 -4.33 -9.50
CA HIS B 33 11.53 -5.02 -8.21
C HIS B 33 12.60 -6.12 -8.04
N LEU B 34 13.19 -6.21 -6.85
CA LEU B 34 14.10 -7.28 -6.49
C LEU B 34 13.46 -8.05 -5.35
N ARG B 35 13.27 -9.38 -5.53
CA ARG B 35 12.77 -10.27 -4.50
C ARG B 35 13.79 -11.39 -4.26
N ILE B 36 14.02 -11.73 -2.98
CA ILE B 36 14.93 -12.82 -2.57
C ILE B 36 14.15 -13.59 -1.53
N LEU B 37 14.03 -14.94 -1.72
CA LEU B 37 13.23 -15.81 -0.84
C LEU B 37 11.77 -15.26 -0.70
N GLY B 38 11.25 -14.64 -1.77
CA GLY B 38 9.90 -14.07 -1.81
C GLY B 38 9.71 -12.75 -1.09
N LYS B 39 10.77 -12.23 -0.44
CA LYS B 39 10.77 -10.98 0.35
C LYS B 39 10.92 -9.77 -0.57
N PRO B 40 10.15 -8.67 -0.34
CA PRO B 40 10.32 -7.46 -1.20
C PRO B 40 11.53 -6.63 -0.75
N VAL B 41 12.70 -6.99 -1.25
CA VAL B 41 13.99 -6.46 -0.83
C VAL B 41 14.25 -5.02 -1.30
N MET B 42 14.03 -4.73 -2.59
CA MET B 42 14.29 -3.42 -3.19
C MET B 42 13.32 -3.13 -4.33
N GLU B 43 12.94 -1.84 -4.48
CA GLU B 43 11.99 -1.43 -5.52
C GLU B 43 12.43 -0.09 -6.11
N ARG B 44 12.31 0.10 -7.44
CA ARG B 44 12.77 1.30 -8.13
C ARG B 44 12.05 2.61 -7.74
N TRP B 45 10.84 2.55 -7.15
CA TRP B 45 10.15 3.78 -6.69
C TRP B 45 11.02 4.54 -5.67
N GLU B 46 11.92 3.82 -4.95
CA GLU B 46 12.81 4.36 -3.93
C GLU B 46 13.90 5.27 -4.48
N THR B 47 14.11 5.31 -5.81
CA THR B 47 15.16 6.08 -6.49
C THR B 47 15.46 7.50 -5.90
N PRO B 48 14.49 8.42 -5.74
CA PRO B 48 14.85 9.75 -5.20
C PRO B 48 15.48 9.67 -3.81
N TYR B 49 14.99 8.73 -2.98
CA TYR B 49 15.49 8.49 -1.63
C TYR B 49 16.91 7.89 -1.68
N MET B 50 17.12 6.86 -2.54
CA MET B 50 18.46 6.26 -2.73
C MET B 50 19.47 7.32 -3.16
N HIS B 51 19.02 8.31 -3.97
CA HIS B 51 19.88 9.43 -4.41
C HIS B 51 20.28 10.32 -3.23
N ALA B 52 19.35 10.57 -2.28
CA ALA B 52 19.59 11.37 -1.07
C ALA B 52 20.66 10.67 -0.16
N LEU B 53 20.55 9.34 0.00
CA LEU B 53 21.54 8.55 0.78
C LEU B 53 22.91 8.57 0.08
N ALA B 54 22.93 8.34 -1.25
CA ALA B 54 24.15 8.35 -2.05
C ALA B 54 24.87 9.69 -1.95
N ALA B 55 24.13 10.82 -2.04
CA ALA B 55 24.71 12.17 -1.90
C ALA B 55 25.35 12.36 -0.53
N ALA B 56 24.69 11.87 0.53
CA ALA B 56 25.19 11.95 1.90
C ALA B 56 26.49 11.12 2.08
N ALA B 57 26.51 9.85 1.62
CA ALA B 57 27.68 8.98 1.78
C ALA B 57 28.88 9.44 0.93
N SER B 58 28.62 10.11 -0.21
CA SER B 58 29.69 10.57 -1.10
C SER B 58 30.02 12.06 -0.94
N SER B 59 29.40 12.74 0.05
CA SER B 59 29.58 14.19 0.31
C SER B 59 31.02 14.60 0.70
N LYS B 60 31.85 13.66 1.20
CA LYS B 60 33.23 13.95 1.63
C LYS B 60 34.26 13.43 0.60
N GLY B 61 33.77 12.87 -0.52
CA GLY B 61 34.60 12.28 -1.57
C GLY B 61 35.34 11.06 -1.04
N GLY B 62 36.60 10.91 -1.44
CA GLY B 62 37.52 9.87 -1.00
C GLY B 62 37.03 8.43 -1.14
N ARG B 63 37.18 7.64 -0.06
CA ARG B 63 36.78 6.22 -0.03
C ARG B 63 35.40 6.05 0.57
N VAL B 64 34.48 5.46 -0.22
CA VAL B 64 33.09 5.24 0.20
C VAL B 64 32.81 3.73 0.31
N LEU B 65 32.26 3.31 1.46
CA LEU B 65 31.88 1.93 1.70
C LEU B 65 30.37 1.82 1.56
N GLU B 66 29.90 0.93 0.68
CA GLU B 66 28.47 0.72 0.51
C GLU B 66 28.15 -0.72 0.92
N VAL B 67 27.16 -0.90 1.81
CA VAL B 67 26.78 -2.22 2.29
C VAL B 67 25.38 -2.55 1.74
N GLY B 68 25.33 -3.51 0.81
CA GLY B 68 24.12 -3.92 0.13
C GLY B 68 24.09 -3.27 -1.23
N PHE B 69 24.16 -4.08 -2.30
CA PHE B 69 24.19 -3.53 -3.64
C PHE B 69 22.81 -3.37 -4.27
N GLY B 70 21.92 -4.35 -4.04
CA GLY B 70 20.54 -4.39 -4.52
C GLY B 70 20.36 -4.19 -6.01
N MET B 71 19.78 -3.06 -6.39
CA MET B 71 19.50 -2.72 -7.79
C MET B 71 20.48 -1.71 -8.35
N ALA B 72 21.60 -1.44 -7.65
CA ALA B 72 22.66 -0.49 -8.04
C ALA B 72 22.19 0.96 -8.13
N ILE B 73 21.03 1.30 -7.52
CA ILE B 73 20.48 2.67 -7.63
C ILE B 73 21.35 3.68 -6.83
N ALA B 74 21.56 3.44 -5.53
CA ALA B 74 22.44 4.29 -4.71
C ALA B 74 23.87 4.24 -5.24
N ALA B 75 24.34 3.03 -5.65
CA ALA B 75 25.71 2.83 -6.15
C ALA B 75 26.02 3.66 -7.39
N SER B 76 25.06 3.76 -8.33
CA SER B 76 25.23 4.55 -9.56
C SER B 76 25.30 6.03 -9.25
N LYS B 77 24.54 6.49 -8.23
CA LYS B 77 24.56 7.88 -7.80
C LYS B 77 25.88 8.19 -7.06
N VAL B 78 26.42 7.25 -6.25
CA VAL B 78 27.71 7.43 -5.54
C VAL B 78 28.82 7.68 -6.59
N GLN B 79 28.77 6.91 -7.70
CA GLN B 79 29.73 6.96 -8.81
C GLN B 79 29.73 8.30 -9.59
N GLU B 80 28.64 9.11 -9.45
CA GLU B 80 28.53 10.43 -10.08
C GLU B 80 29.32 11.49 -9.31
N ALA B 81 29.68 11.22 -8.05
CA ALA B 81 30.42 12.15 -7.20
C ALA B 81 31.95 12.00 -7.38
N PRO B 82 32.78 13.05 -7.13
CA PRO B 82 34.24 12.87 -7.28
C PRO B 82 34.88 12.07 -6.13
N ILE B 83 34.67 10.75 -6.13
CA ILE B 83 35.21 9.84 -5.12
C ILE B 83 36.49 9.16 -5.68
N ASP B 84 37.26 8.48 -4.83
CA ASP B 84 38.52 7.79 -5.22
C ASP B 84 38.32 6.28 -5.31
N GLU B 85 37.60 5.70 -4.33
CA GLU B 85 37.35 4.25 -4.23
C GLU B 85 35.93 4.02 -3.79
N HIS B 86 35.34 2.95 -4.27
CA HIS B 86 33.98 2.57 -3.94
C HIS B 86 34.02 1.09 -3.56
N TRP B 87 34.03 0.81 -2.24
CA TRP B 87 34.04 -0.54 -1.68
C TRP B 87 32.57 -0.96 -1.53
N ILE B 88 32.21 -2.17 -1.99
CA ILE B 88 30.83 -2.65 -1.96
C ILE B 88 30.75 -4.06 -1.40
N ILE B 89 29.97 -4.25 -0.29
CA ILE B 89 29.76 -5.55 0.35
C ILE B 89 28.38 -6.06 -0.03
N GLU B 90 28.30 -7.31 -0.48
CA GLU B 90 27.04 -7.92 -0.90
C GLU B 90 27.06 -9.41 -0.55
N CYS B 91 26.02 -9.88 0.17
CA CYS B 91 25.90 -11.28 0.57
C CYS B 91 25.41 -12.20 -0.55
N ASN B 92 24.31 -11.84 -1.22
CA ASN B 92 23.65 -12.68 -2.21
C ASN B 92 24.49 -12.91 -3.48
N ASP B 93 24.74 -14.20 -3.81
CA ASP B 93 25.49 -14.60 -5.02
C ASP B 93 24.89 -14.01 -6.30
N GLY B 94 23.57 -14.03 -6.44
CA GLY B 94 22.86 -13.50 -7.60
C GLY B 94 23.05 -11.99 -7.75
N VAL B 95 22.90 -11.24 -6.63
CA VAL B 95 23.14 -9.79 -6.64
C VAL B 95 24.64 -9.51 -6.86
N PHE B 96 25.52 -10.34 -6.25
CA PHE B 96 26.98 -10.16 -6.41
C PHE B 96 27.40 -10.32 -7.89
N GLN B 97 26.73 -11.20 -8.63
CA GLN B 97 27.01 -11.39 -10.07
C GLN B 97 26.65 -10.10 -10.84
N ARG B 98 25.55 -9.43 -10.46
CA ARG B 98 25.12 -8.15 -11.04
C ARG B 98 26.16 -7.07 -10.71
N LEU B 99 26.73 -7.10 -9.48
CA LEU B 99 27.81 -6.19 -9.04
C LEU B 99 29.08 -6.39 -9.92
N ARG B 100 29.43 -7.66 -10.19
CA ARG B 100 30.58 -8.02 -11.03
C ARG B 100 30.44 -7.52 -12.48
N ASP B 101 29.23 -7.55 -13.04
CA ASP B 101 28.98 -7.05 -14.39
C ASP B 101 28.96 -5.51 -14.43
N TRP B 102 28.49 -4.87 -13.34
CA TRP B 102 28.37 -3.41 -13.21
C TRP B 102 29.72 -2.71 -12.96
N ALA B 103 30.58 -3.29 -12.08
CA ALA B 103 31.86 -2.70 -11.66
C ALA B 103 32.82 -2.28 -12.79
N PRO B 104 33.03 -3.06 -13.90
CA PRO B 104 34.03 -2.65 -14.91
C PRO B 104 33.76 -1.33 -15.64
N ARG B 105 32.48 -1.03 -15.92
CA ARG B 105 31.96 0.16 -16.61
CA ARG B 105 32.10 0.18 -16.65
C ARG B 105 32.13 1.45 -15.77
N GLN B 106 32.37 1.32 -14.45
CA GLN B 106 32.41 2.45 -13.53
C GLN B 106 33.68 3.30 -13.63
N THR B 107 33.48 4.62 -13.49
CA THR B 107 34.52 5.65 -13.56
C THR B 107 35.51 5.50 -12.39
N HIS B 108 34.99 5.33 -11.17
CA HIS B 108 35.81 5.23 -9.96
C HIS B 108 35.97 3.76 -9.57
N LYS B 109 37.19 3.37 -9.18
CA LYS B 109 37.57 2.01 -8.81
C LYS B 109 36.61 1.38 -7.83
N VAL B 110 36.01 0.24 -8.22
CA VAL B 110 35.08 -0.53 -7.41
C VAL B 110 35.83 -1.71 -6.78
N ILE B 111 35.67 -1.88 -5.45
CA ILE B 111 36.26 -2.97 -4.66
C ILE B 111 35.10 -3.88 -4.21
N PRO B 112 34.77 -4.96 -4.96
CA PRO B 112 33.63 -5.81 -4.61
C PRO B 112 33.97 -6.96 -3.66
N LEU B 113 33.20 -7.11 -2.58
CA LEU B 113 33.44 -8.15 -1.57
C LEU B 113 32.17 -8.94 -1.33
N LYS B 114 32.26 -10.28 -1.42
CA LYS B 114 31.11 -11.14 -1.28
C LYS B 114 30.97 -11.75 0.11
N GLY B 115 29.81 -11.56 0.70
CA GLY B 115 29.47 -12.13 1.99
C GLY B 115 28.60 -11.26 2.87
N LEU B 116 28.20 -11.83 4.03
CA LEU B 116 27.44 -11.09 5.03
C LEU B 116 28.38 -10.02 5.57
N TRP B 117 27.88 -8.79 5.83
CA TRP B 117 28.76 -7.77 6.42
C TRP B 117 29.28 -8.27 7.78
N GLU B 118 28.51 -9.17 8.45
CA GLU B 118 28.86 -9.75 9.75
C GLU B 118 30.22 -10.46 9.66
N ASP B 119 30.50 -11.07 8.50
CA ASP B 119 31.74 -11.78 8.19
C ASP B 119 32.81 -10.91 7.51
N VAL B 120 32.38 -10.01 6.59
CA VAL B 120 33.27 -9.17 5.78
C VAL B 120 33.78 -7.91 6.52
N ALA B 121 32.87 -7.14 7.18
CA ALA B 121 33.26 -5.90 7.87
C ALA B 121 34.45 -6.07 8.87
N PRO B 122 34.56 -7.17 9.67
CA PRO B 122 35.74 -7.31 10.57
C PRO B 122 37.09 -7.37 9.86
N THR B 123 37.11 -7.60 8.53
CA THR B 123 38.34 -7.68 7.72
C THR B 123 38.75 -6.31 7.17
N LEU B 124 37.85 -5.31 7.26
CA LEU B 124 38.09 -3.97 6.74
C LEU B 124 38.96 -3.10 7.68
N PRO B 125 39.82 -2.22 7.11
CA PRO B 125 40.72 -1.41 7.97
C PRO B 125 40.04 -0.26 8.71
N ASP B 126 40.46 -0.03 9.98
CA ASP B 126 39.99 1.06 10.85
C ASP B 126 40.30 2.42 10.23
N GLY B 127 39.42 3.40 10.47
CA GLY B 127 39.52 4.79 10.02
C GLY B 127 39.96 4.98 8.58
N HIS B 128 39.39 4.16 7.67
CA HIS B 128 39.77 4.14 6.25
C HIS B 128 38.76 4.80 5.33
N PHE B 129 37.52 5.01 5.80
CA PHE B 129 36.44 5.48 4.94
C PHE B 129 35.95 6.88 5.23
N ASP B 130 35.80 7.67 4.16
CA ASP B 130 35.28 9.03 4.23
C ASP B 130 33.76 9.03 4.35
N GLY B 131 33.13 7.97 3.82
CA GLY B 131 31.69 7.81 3.84
C GLY B 131 31.25 6.36 3.87
N ILE B 132 30.11 6.10 4.54
CA ILE B 132 29.51 4.77 4.61
C ILE B 132 28.02 4.88 4.29
N LEU B 133 27.54 3.98 3.39
CA LEU B 133 26.10 3.87 3.08
C LEU B 133 25.70 2.45 3.47
N TYR B 134 24.86 2.30 4.52
CA TYR B 134 24.35 0.98 4.95
C TYR B 134 22.89 0.84 4.52
N ASP B 135 22.61 -0.08 3.61
CA ASP B 135 21.25 -0.39 3.19
C ASP B 135 21.15 -1.88 2.83
N THR B 136 20.92 -2.74 3.84
CA THR B 136 20.83 -4.17 3.60
C THR B 136 19.35 -4.59 3.70
N TYR B 137 19.08 -5.74 4.29
CA TYR B 137 17.74 -6.30 4.46
C TYR B 137 17.70 -7.10 5.77
N PRO B 138 16.60 -7.05 6.58
CA PRO B 138 16.59 -7.84 7.82
C PRO B 138 16.64 -9.33 7.48
N LEU B 139 17.56 -10.08 8.10
CA LEU B 139 17.69 -11.51 7.77
C LEU B 139 16.95 -12.42 8.76
N SER B 140 16.25 -11.85 9.76
CA SER B 140 15.48 -12.63 10.73
C SER B 140 14.37 -11.74 11.32
N GLU B 141 13.30 -12.36 11.85
CA GLU B 141 12.21 -11.57 12.48
C GLU B 141 12.76 -10.80 13.68
N GLU B 142 13.64 -11.44 14.48
CA GLU B 142 14.28 -10.84 15.64
C GLU B 142 15.10 -9.59 15.27
N THR B 143 15.65 -9.54 14.04
CA THR B 143 16.47 -8.39 13.65
C THR B 143 15.75 -7.42 12.68
N TRP B 144 14.43 -7.58 12.55
CA TRP B 144 13.56 -6.72 11.73
C TRP B 144 13.91 -5.25 11.91
N HIS B 145 13.90 -4.75 13.18
CA HIS B 145 14.12 -3.33 13.54
C HIS B 145 15.50 -3.00 14.10
N THR B 146 16.42 -3.98 14.17
CA THR B 146 17.69 -3.74 14.84
C THR B 146 18.98 -4.08 14.08
N HIS B 147 18.93 -4.79 12.93
CA HIS B 147 20.15 -5.23 12.25
C HIS B 147 21.18 -4.10 12.01
N GLN B 148 20.72 -2.90 11.64
CA GLN B 148 21.64 -1.78 11.37
C GLN B 148 22.47 -1.37 12.59
N PHE B 149 21.91 -1.50 13.80
CA PHE B 149 22.57 -1.13 15.06
C PHE B 149 23.81 -1.96 15.33
N ASN B 150 23.73 -3.27 15.06
CA ASN B 150 24.85 -4.19 15.20
C ASN B 150 25.99 -3.73 14.28
N PHE B 151 25.67 -3.34 13.01
CA PHE B 151 26.68 -2.81 12.10
C PHE B 151 27.24 -1.46 12.58
N ILE B 152 26.34 -0.52 12.94
CA ILE B 152 26.74 0.84 13.35
C ILE B 152 27.66 0.81 14.58
N LYS B 153 27.29 0.03 15.59
CA LYS B 153 28.05 -0.06 16.85
C LYS B 153 29.40 -0.75 16.66
N ASN B 154 29.41 -1.92 16.01
CA ASN B 154 30.63 -2.70 15.83
C ASN B 154 31.51 -2.28 14.66
N HIS B 155 30.98 -1.54 13.65
CA HIS B 155 31.84 -1.24 12.51
C HIS B 155 31.83 0.20 12.02
N ALA B 156 30.65 0.84 11.84
CA ALA B 156 30.58 2.22 11.31
C ALA B 156 31.52 3.22 12.02
N PHE B 157 31.51 3.22 13.36
CA PHE B 157 32.32 4.14 14.14
C PHE B 157 33.83 3.92 13.94
N ARG B 158 34.32 2.68 14.07
CA ARG B 158 35.74 2.34 13.88
C ARG B 158 36.21 2.51 12.42
N LEU B 159 35.33 2.23 11.42
CA LEU B 159 35.70 2.32 10.00
C LEU B 159 35.84 3.73 9.47
N LEU B 160 35.07 4.68 10.03
CA LEU B 160 35.10 6.06 9.55
C LEU B 160 36.36 6.80 9.94
N LYS B 161 36.81 7.66 9.04
CA LYS B 161 37.92 8.57 9.29
C LYS B 161 37.32 9.68 10.18
N PRO B 162 38.12 10.45 10.96
CA PRO B 162 37.53 11.59 11.70
C PRO B 162 36.88 12.54 10.67
N GLY B 163 35.66 12.97 10.97
CA GLY B 163 34.92 13.82 10.04
C GLY B 163 34.14 13.05 8.99
N GLY B 164 34.30 11.72 8.94
CA GLY B 164 33.60 10.83 8.01
C GLY B 164 32.10 10.81 8.22
N VAL B 165 31.33 10.53 7.16
CA VAL B 165 29.87 10.55 7.27
C VAL B 165 29.23 9.16 7.09
N LEU B 166 28.34 8.82 7.99
CA LEU B 166 27.54 7.60 7.93
C LEU B 166 26.07 7.98 7.55
N THR B 167 25.47 7.23 6.60
CA THR B 167 24.06 7.30 6.24
C THR B 167 23.57 5.87 6.16
N TYR B 168 22.28 5.66 6.42
CA TYR B 168 21.70 4.32 6.38
C TYR B 168 20.19 4.43 6.33
N CYS B 169 19.54 3.30 6.10
CA CYS B 169 18.08 3.22 6.16
C CYS B 169 17.68 1.79 6.46
N ASN B 170 16.45 1.62 6.88
CA ASN B 170 15.83 0.32 7.11
C ASN B 170 14.33 0.54 6.86
N LEU B 171 13.91 0.47 5.58
CA LEU B 171 12.54 0.70 5.16
C LEU B 171 11.56 -0.37 5.62
N THR B 172 11.99 -1.65 5.69
CA THR B 172 11.13 -2.73 6.20
C THR B 172 10.78 -2.45 7.66
N SER B 173 11.72 -1.87 8.41
CA SER B 173 11.43 -1.49 9.81
C SER B 173 10.61 -0.20 9.85
N TRP B 174 11.16 0.88 9.26
CA TRP B 174 10.53 2.22 9.34
C TRP B 174 9.14 2.26 8.73
N GLY B 175 8.92 1.53 7.64
CA GLY B 175 7.59 1.42 7.05
C GLY B 175 6.60 0.77 7.99
N GLU B 176 7.05 -0.25 8.74
CA GLU B 176 6.24 -0.93 9.74
C GLU B 176 5.91 -0.01 10.95
N LEU B 177 6.91 0.74 11.45
CA LEU B 177 6.75 1.67 12.60
C LEU B 177 5.84 2.82 12.27
N MET B 178 5.89 3.28 11.01
CA MET B 178 5.03 4.38 10.53
C MET B 178 3.58 3.96 10.32
N LYS B 179 3.29 2.64 10.31
CA LYS B 179 1.92 2.14 10.13
C LYS B 179 1.17 2.13 11.45
N SER B 180 1.87 1.83 12.55
CA SER B 180 1.28 1.67 13.86
C SER B 180 1.78 2.70 14.89
N LYS B 181 3.01 2.49 15.36
CA LYS B 181 3.66 3.20 16.45
C LYS B 181 3.80 4.72 16.30
N TYR B 182 4.05 5.22 15.07
CA TYR B 182 4.30 6.64 14.84
C TYR B 182 3.54 7.23 13.67
N SER B 183 3.24 8.55 13.77
CA SER B 183 2.61 9.34 12.71
C SER B 183 3.54 10.48 12.27
N ASP B 184 4.66 10.68 13.00
CA ASP B 184 5.68 11.69 12.71
C ASP B 184 7.02 10.99 12.54
N ILE B 185 7.61 11.07 11.33
CA ILE B 185 8.84 10.36 10.97
C ILE B 185 10.09 10.87 11.76
N THR B 186 10.14 12.18 12.12
CA THR B 186 11.26 12.75 12.89
C THR B 186 11.22 12.21 14.31
N ILE B 187 9.99 12.04 14.89
CA ILE B 187 9.77 11.50 16.24
C ILE B 187 10.19 10.02 16.24
N MET B 188 9.74 9.25 15.23
CA MET B 188 10.12 7.83 15.06
C MET B 188 11.66 7.72 15.08
N PHE B 189 12.36 8.55 14.30
CA PHE B 189 13.83 8.54 14.25
C PHE B 189 14.45 8.89 15.61
N GLU B 190 13.97 9.95 16.24
CA GLU B 190 14.50 10.39 17.53
C GLU B 190 14.38 9.32 18.62
N GLU B 191 13.23 8.66 18.71
CA GLU B 191 12.95 7.67 19.73
C GLU B 191 13.57 6.30 19.46
N THR B 192 13.57 5.82 18.19
CA THR B 192 14.04 4.46 17.89
C THR B 192 15.48 4.38 17.35
N GLN B 193 16.04 5.47 16.80
CA GLN B 193 17.38 5.40 16.19
C GLN B 193 18.47 6.12 16.97
N VAL B 194 18.18 7.36 17.43
CA VAL B 194 19.17 8.20 18.13
C VAL B 194 19.88 7.48 19.34
N PRO B 195 19.18 6.77 20.26
CA PRO B 195 19.90 6.14 21.39
C PRO B 195 20.99 5.15 20.96
N ALA B 196 20.72 4.32 19.93
CA ALA B 196 21.72 3.37 19.41
C ALA B 196 22.89 4.08 18.77
N LEU B 197 22.61 5.23 18.07
CA LEU B 197 23.65 6.05 17.45
C LEU B 197 24.59 6.68 18.49
N LEU B 198 24.04 7.11 19.64
CA LEU B 198 24.79 7.69 20.75
C LEU B 198 25.64 6.62 21.43
N GLU B 199 25.07 5.42 21.61
CA GLU B 199 25.72 4.23 22.19
C GLU B 199 26.92 3.82 21.36
N ALA B 200 26.80 3.95 20.01
CA ALA B 200 27.82 3.64 19.03
C ALA B 200 29.05 4.55 19.11
N GLY B 201 28.91 5.72 19.74
CA GLY B 201 30.01 6.66 19.89
C GLY B 201 29.82 8.01 19.22
N PHE B 202 28.71 8.18 18.49
CA PHE B 202 28.41 9.44 17.81
C PHE B 202 27.79 10.42 18.78
N ARG B 203 28.07 11.72 18.59
CA ARG B 203 27.55 12.77 19.47
C ARG B 203 26.27 13.33 18.86
N ARG B 204 25.30 13.73 19.72
CA ARG B 204 24.01 14.24 19.26
C ARG B 204 24.13 15.41 18.29
N GLU B 205 25.08 16.36 18.53
CA GLU B 205 25.31 17.51 17.63
C GLU B 205 25.82 17.08 16.25
N ASN B 206 26.30 15.81 16.15
CA ASN B 206 26.82 15.27 14.90
C ASN B 206 25.82 14.34 14.20
N ILE B 207 24.53 14.43 14.61
CA ILE B 207 23.44 13.67 13.99
C ILE B 207 22.45 14.67 13.44
N ARG B 208 22.26 14.68 12.12
CA ARG B 208 21.29 15.54 11.45
C ARG B 208 20.39 14.65 10.59
N THR B 209 19.21 15.18 10.22
CA THR B 209 18.29 14.41 9.37
C THR B 209 17.67 15.30 8.32
N GLU B 210 17.23 14.69 7.22
CA GLU B 210 16.53 15.46 6.16
C GLU B 210 15.27 14.70 5.81
N VAL B 211 14.12 15.39 5.91
CA VAL B 211 12.86 14.75 5.50
C VAL B 211 12.62 15.10 4.01
N MET B 212 12.12 14.12 3.24
CA MET B 212 11.74 14.38 1.83
C MET B 212 10.36 13.81 1.55
N ALA B 213 9.62 14.47 0.66
CA ALA B 213 8.30 14.00 0.29
C ALA B 213 8.47 12.96 -0.81
N LEU B 214 7.87 11.78 -0.61
CA LEU B 214 7.90 10.66 -1.57
C LEU B 214 6.74 9.73 -1.24
N VAL B 215 5.82 9.60 -2.19
CA VAL B 215 4.64 8.77 -1.99
C VAL B 215 4.92 7.40 -2.61
N PRO B 216 4.84 6.32 -1.81
CA PRO B 216 5.09 4.99 -2.40
C PRO B 216 3.93 4.47 -3.27
N PRO B 217 4.10 3.45 -4.16
CA PRO B 217 2.95 2.92 -4.91
C PRO B 217 2.07 2.06 -3.99
N ALA B 218 0.80 1.97 -4.29
CA ALA B 218 -0.23 1.26 -3.50
C ALA B 218 0.06 -0.23 -3.23
N ASP B 219 0.88 -0.87 -4.08
CA ASP B 219 1.20 -2.28 -3.89
C ASP B 219 2.50 -2.55 -3.08
N CYS B 220 3.17 -1.52 -2.57
CA CYS B 220 4.38 -1.71 -1.78
C CYS B 220 3.97 -2.31 -0.43
N ARG B 221 4.38 -3.55 -0.17
CA ARG B 221 4.01 -4.25 1.04
C ARG B 221 4.75 -3.73 2.28
N TYR B 222 5.90 -3.06 2.10
CA TYR B 222 6.72 -2.68 3.25
C TYR B 222 6.68 -1.20 3.65
N TYR B 223 6.17 -0.31 2.79
CA TYR B 223 6.19 1.12 3.10
C TYR B 223 4.96 1.82 2.53
N ALA B 224 4.29 2.62 3.38
CA ALA B 224 3.07 3.35 3.01
C ALA B 224 3.13 4.83 3.41
N PHE B 225 4.11 5.22 4.24
CA PHE B 225 4.25 6.60 4.71
C PHE B 225 4.65 7.55 3.57
N PRO B 226 4.03 8.76 3.45
CA PRO B 226 4.35 9.64 2.31
C PRO B 226 5.61 10.50 2.47
N GLN B 227 6.51 10.11 3.40
CA GLN B 227 7.77 10.82 3.62
C GLN B 227 8.88 9.81 3.89
N MET B 228 10.11 10.21 3.57
CA MET B 228 11.36 9.46 3.82
C MET B 228 12.24 10.32 4.72
N ILE B 229 13.12 9.70 5.52
CA ILE B 229 14.06 10.44 6.37
C ILE B 229 15.51 9.98 6.07
N THR B 230 16.41 10.93 5.78
CA THR B 230 17.82 10.63 5.47
C THR B 230 18.69 11.01 6.65
N PRO B 231 19.38 10.05 7.32
CA PRO B 231 20.27 10.43 8.41
C PRO B 231 21.65 10.84 7.89
N LEU B 232 22.32 11.80 8.55
CA LEU B 232 23.70 12.20 8.23
C LEU B 232 24.38 12.23 9.58
N VAL B 233 25.21 11.20 9.83
CA VAL B 233 25.84 10.92 11.12
C VAL B 233 27.37 11.07 10.95
N THR B 234 27.93 12.17 11.48
CA THR B 234 29.36 12.49 11.32
C THR B 234 30.20 12.01 12.52
N LYS B 235 31.39 11.43 12.21
CA LYS B 235 32.31 11.00 13.26
C LYS B 235 33.08 12.24 13.74
N GLY B 236 33.25 12.38 15.06
CA GLY B 236 33.95 13.51 15.68
C GLY B 236 35.44 13.53 15.41
N THR C 7 -1.94 -12.84 0.72
CA THR C 7 -0.56 -13.00 0.26
C THR C 7 -0.34 -14.47 -0.15
N PRO C 8 0.20 -14.75 -1.35
CA PRO C 8 0.45 -16.16 -1.71
C PRO C 8 1.66 -16.70 -0.97
N ILE C 9 1.71 -18.02 -0.74
CA ILE C 9 2.84 -18.67 -0.05
C ILE C 9 4.12 -18.47 -0.86
N PHE C 10 3.98 -18.48 -2.21
CA PHE C 10 5.06 -18.24 -3.17
C PHE C 10 4.75 -17.02 -4.03
N ALA C 11 5.74 -16.12 -4.18
CA ALA C 11 5.64 -14.93 -5.02
C ALA C 11 5.97 -15.34 -6.48
N PRO C 12 5.48 -14.62 -7.53
CA PRO C 12 5.86 -14.98 -8.90
C PRO C 12 7.39 -15.00 -9.08
N GLY C 13 7.90 -16.07 -9.70
CA GLY C 13 9.33 -16.23 -9.96
C GLY C 13 10.18 -16.64 -8.78
N GLU C 14 9.55 -16.92 -7.62
CA GLU C 14 10.26 -17.31 -6.42
C GLU C 14 10.84 -18.72 -6.54
N ASN C 15 12.12 -18.87 -6.19
CA ASN C 15 12.82 -20.15 -6.19
C ASN C 15 13.64 -20.23 -4.92
N CYS C 16 13.32 -21.22 -4.06
CA CYS C 16 13.96 -21.47 -2.76
C CYS C 16 14.85 -22.72 -2.75
N SER C 17 14.82 -23.54 -3.82
CA SER C 17 15.59 -24.80 -3.84
C SER C 17 17.09 -24.69 -3.40
N PRO C 18 17.96 -23.81 -3.96
CA PRO C 18 19.38 -23.80 -3.52
C PRO C 18 19.60 -23.36 -2.06
N ALA C 19 18.64 -22.65 -1.47
CA ALA C 19 18.69 -22.14 -0.09
C ALA C 19 18.06 -23.07 0.96
N TRP C 20 17.23 -24.07 0.54
CA TRP C 20 16.51 -24.97 1.45
C TRP C 20 17.40 -25.75 2.44
N GLY C 21 18.51 -26.30 1.95
CA GLY C 21 19.47 -27.07 2.76
C GLY C 21 19.99 -26.33 3.97
N ALA C 22 20.47 -25.10 3.77
CA ALA C 22 21.07 -24.28 4.84
C ALA C 22 20.08 -23.43 5.63
N ALA C 23 18.80 -23.39 5.21
CA ALA C 23 17.77 -22.58 5.88
C ALA C 23 17.43 -23.08 7.28
N PRO C 24 17.45 -22.20 8.32
CA PRO C 24 17.10 -22.67 9.67
C PRO C 24 15.69 -23.23 9.75
N ALA C 25 15.54 -24.39 10.44
CA ALA C 25 14.25 -25.07 10.59
C ALA C 25 13.61 -24.54 11.86
N ALA C 26 12.45 -23.89 11.73
CA ALA C 26 11.76 -23.31 12.87
C ALA C 26 10.63 -24.20 13.39
N TYR C 27 10.93 -24.97 14.46
CA TYR C 27 9.93 -25.80 15.12
C TYR C 27 9.48 -24.96 16.31
N ASP C 28 8.16 -24.72 16.44
CA ASP C 28 7.70 -23.94 17.61
C ASP C 28 7.82 -24.76 18.90
N ALA C 29 7.95 -24.08 20.05
CA ALA C 29 8.04 -24.73 21.36
C ALA C 29 6.78 -25.53 21.68
N ALA C 30 5.62 -25.10 21.14
CA ALA C 30 4.31 -25.75 21.32
C ALA C 30 4.22 -27.11 20.64
N ASP C 31 5.24 -27.50 19.82
CA ASP C 31 5.36 -28.76 19.07
C ASP C 31 4.18 -28.96 18.08
N THR C 32 3.75 -27.92 17.39
CA THR C 32 2.61 -28.10 16.49
C THR C 32 2.84 -27.63 15.05
N HIS C 33 3.91 -26.88 14.82
CA HIS C 33 4.20 -26.37 13.47
C HIS C 33 5.69 -26.44 13.15
N LEU C 34 6.02 -26.55 11.85
CA LEU C 34 7.38 -26.48 11.28
C LEU C 34 7.32 -25.44 10.16
N ARG C 35 8.17 -24.42 10.25
CA ARG C 35 8.30 -23.36 9.24
C ARG C 35 9.74 -23.31 8.78
N ILE C 36 9.95 -23.19 7.46
CA ILE C 36 11.27 -23.06 6.85
C ILE C 36 11.14 -21.91 5.87
N LEU C 37 12.05 -20.92 5.97
CA LEU C 37 12.02 -19.69 5.14
C LEU C 37 10.62 -19.02 5.21
N GLY C 38 9.99 -19.10 6.38
CA GLY C 38 8.67 -18.51 6.65
C GLY C 38 7.48 -19.22 6.04
N LYS C 39 7.71 -20.35 5.34
CA LYS C 39 6.65 -21.14 4.70
C LYS C 39 6.04 -22.13 5.72
N PRO C 40 4.70 -22.32 5.72
CA PRO C 40 4.09 -23.31 6.62
C PRO C 40 4.26 -24.74 6.06
N VAL C 41 5.40 -25.35 6.35
CA VAL C 41 5.81 -26.64 5.82
C VAL C 41 5.00 -27.81 6.40
N MET C 42 4.82 -27.87 7.72
CA MET C 42 4.10 -28.97 8.36
C MET C 42 3.37 -28.49 9.62
N GLU C 43 2.19 -29.09 9.89
CA GLU C 43 1.37 -28.74 11.05
C GLU C 43 0.77 -30.02 11.64
N ARG C 44 0.72 -30.12 12.98
CA ARG C 44 0.26 -31.31 13.68
C ARG C 44 -1.24 -31.65 13.45
N TRP C 45 -2.11 -30.70 12.98
CA TRP C 45 -3.53 -31.04 12.68
C TRP C 45 -3.64 -32.13 11.62
N GLU C 46 -2.58 -32.24 10.76
CA GLU C 46 -2.52 -33.21 9.66
C GLU C 46 -2.36 -34.66 10.10
N THR C 47 -2.07 -34.90 11.39
CA THR C 47 -1.81 -36.23 11.98
C THR C 47 -2.70 -37.39 11.43
N PRO C 48 -4.05 -37.35 11.47
CA PRO C 48 -4.82 -38.50 10.96
C PRO C 48 -4.53 -38.80 9.50
N TYR C 49 -4.32 -37.75 8.70
CA TYR C 49 -3.97 -37.90 7.27
C TYR C 49 -2.57 -38.50 7.08
N MET C 50 -1.57 -37.98 7.85
CA MET C 50 -0.20 -38.55 7.81
C MET C 50 -0.23 -40.03 8.17
N HIS C 51 -1.13 -40.44 9.08
CA HIS C 51 -1.30 -41.86 9.47
C HIS C 51 -1.85 -42.70 8.29
N ALA C 52 -2.80 -42.12 7.50
CA ALA C 52 -3.36 -42.79 6.31
C ALA C 52 -2.28 -43.03 5.24
N LEU C 53 -1.40 -42.02 5.00
CA LEU C 53 -0.28 -42.17 4.04
C LEU C 53 0.71 -43.21 4.54
N ALA C 54 1.06 -43.14 5.85
CA ALA C 54 1.99 -44.09 6.47
C ALA C 54 1.49 -45.53 6.33
N ALA C 55 0.19 -45.77 6.58
CA ALA C 55 -0.43 -47.10 6.49
C ALA C 55 -0.36 -47.61 5.04
N ALA C 56 -0.58 -46.72 4.05
CA ALA C 56 -0.53 -47.07 2.62
C ALA C 56 0.90 -47.46 2.18
N ALA C 57 1.91 -46.64 2.54
CA ALA C 57 3.31 -46.90 2.17
C ALA C 57 3.89 -48.14 2.87
N SER C 58 3.40 -48.45 4.08
CA SER C 58 3.91 -49.60 4.85
C SER C 58 3.02 -50.84 4.74
N SER C 59 1.98 -50.79 3.87
CA SER C 59 1.00 -51.88 3.68
C SER C 59 1.59 -53.19 3.10
N LYS C 60 2.76 -53.13 2.42
CA LYS C 60 3.41 -54.31 1.84
C LYS C 60 4.61 -54.78 2.68
N GLY C 61 4.85 -54.13 3.83
CA GLY C 61 5.99 -54.40 4.71
C GLY C 61 7.29 -54.08 4.00
N GLY C 62 8.30 -54.93 4.21
CA GLY C 62 9.61 -54.83 3.58
C GLY C 62 10.34 -53.50 3.70
N ARG C 63 10.86 -52.98 2.56
CA ARG C 63 11.64 -51.73 2.50
C ARG C 63 10.77 -50.57 2.08
N VAL C 64 10.67 -49.56 2.95
CA VAL C 64 9.85 -48.38 2.73
C VAL C 64 10.75 -47.14 2.56
N LEU C 65 10.52 -46.38 1.49
CA LEU C 65 11.25 -45.15 1.23
C LEU C 65 10.34 -43.98 1.57
N GLU C 66 10.78 -43.09 2.45
CA GLU C 66 10.01 -41.90 2.82
C GLU C 66 10.81 -40.67 2.38
N VAL C 67 10.16 -39.78 1.63
CA VAL C 67 10.80 -38.56 1.12
C VAL C 67 10.18 -37.36 1.86
N GLY C 68 11.00 -36.74 2.71
CA GLY C 68 10.60 -35.61 3.56
C GLY C 68 10.30 -36.11 4.94
N PHE C 69 11.08 -35.69 5.93
CA PHE C 69 10.91 -36.15 7.32
C PHE C 69 9.96 -35.28 8.14
N GLY C 70 10.03 -33.96 7.96
CA GLY C 70 9.20 -32.97 8.64
C GLY C 70 9.15 -33.06 10.15
N MET C 71 7.97 -33.38 10.69
CA MET C 71 7.75 -33.50 12.14
C MET C 71 7.72 -34.95 12.61
N ALA C 72 8.20 -35.90 11.77
CA ALA C 72 8.26 -37.35 12.08
C ALA C 72 6.87 -37.97 12.34
N ILE C 73 5.77 -37.32 11.91
CA ILE C 73 4.43 -37.86 12.19
C ILE C 73 4.16 -39.13 11.35
N ALA C 74 4.31 -39.06 10.00
CA ALA C 74 4.16 -40.21 9.11
C ALA C 74 5.23 -41.27 9.44
N ALA C 75 6.47 -40.82 9.69
CA ALA C 75 7.61 -41.71 9.98
C ALA C 75 7.38 -42.58 11.23
N SER C 76 6.79 -41.99 12.30
CA SER C 76 6.50 -42.74 13.53
C SER C 76 5.40 -43.77 13.31
N LYS C 77 4.43 -43.47 12.43
CA LYS C 77 3.37 -44.40 12.08
C LYS C 77 3.91 -45.52 11.17
N VAL C 78 4.86 -45.22 10.24
CA VAL C 78 5.49 -46.25 9.37
C VAL C 78 6.20 -47.30 10.27
N GLN C 79 6.86 -46.81 11.32
CA GLN C 79 7.62 -47.60 12.31
C GLN C 79 6.74 -48.57 13.12
N GLU C 80 5.41 -48.33 13.18
CA GLU C 80 4.45 -49.19 13.88
C GLU C 80 4.09 -50.44 13.06
N ALA C 81 4.40 -50.44 11.75
CA ALA C 81 4.10 -51.55 10.85
C ALA C 81 5.25 -52.58 10.80
N PRO C 82 5.00 -53.87 10.48
CA PRO C 82 6.12 -54.84 10.45
C PRO C 82 6.99 -54.72 9.19
N ILE C 83 7.79 -53.66 9.12
CA ILE C 83 8.69 -53.38 7.99
C ILE C 83 10.11 -53.87 8.33
N ASP C 84 10.99 -53.95 7.31
CA ASP C 84 12.39 -54.40 7.48
C ASP C 84 13.37 -53.24 7.50
N GLU C 85 13.18 -52.26 6.60
CA GLU C 85 14.04 -51.08 6.47
C GLU C 85 13.20 -49.84 6.20
N HIS C 86 13.65 -48.69 6.76
CA HIS C 86 13.00 -47.39 6.62
C HIS C 86 14.02 -46.38 6.10
N TRP C 87 14.02 -46.18 4.76
CA TRP C 87 14.94 -45.23 4.12
C TRP C 87 14.25 -43.88 4.16
N ILE C 88 14.95 -42.85 4.60
CA ILE C 88 14.39 -41.50 4.73
C ILE C 88 15.31 -40.45 4.10
N ILE C 89 14.78 -39.70 3.10
CA ILE C 89 15.52 -38.64 2.42
C ILE C 89 15.03 -37.29 2.96
N GLU C 90 15.95 -36.43 3.35
CA GLU C 90 15.64 -35.11 3.90
C GLU C 90 16.68 -34.08 3.46
N CYS C 91 16.22 -32.97 2.85
CA CYS C 91 17.09 -31.89 2.36
C CYS C 91 17.59 -30.97 3.46
N ASN C 92 16.69 -30.48 4.32
CA ASN C 92 17.00 -29.46 5.31
C ASN C 92 17.95 -29.96 6.43
N ASP C 93 19.10 -29.29 6.62
CA ASP C 93 20.09 -29.65 7.66
C ASP C 93 19.47 -29.71 9.06
N GLY C 94 18.60 -28.74 9.38
CA GLY C 94 17.92 -28.66 10.67
C GLY C 94 16.97 -29.82 10.91
N VAL C 95 16.17 -30.17 9.88
CA VAL C 95 15.24 -31.31 9.96
C VAL C 95 16.08 -32.62 9.98
N PHE C 96 17.18 -32.65 9.19
CA PHE C 96 18.06 -33.86 9.15
C PHE C 96 18.69 -34.15 10.53
N GLN C 97 19.01 -33.09 11.29
CA GLN C 97 19.53 -33.26 12.66
C GLN C 97 18.48 -33.92 13.56
N ARG C 98 17.19 -33.53 13.41
CA ARG C 98 16.07 -34.12 14.12
C ARG C 98 15.92 -35.61 13.72
N LEU C 99 16.10 -35.92 12.42
CA LEU C 99 16.07 -37.30 11.90
C LEU C 99 17.20 -38.16 12.54
N ARG C 100 18.43 -37.59 12.67
CA ARG C 100 19.58 -38.25 13.28
C ARG C 100 19.35 -38.59 14.73
N ASP C 101 18.63 -37.72 15.48
CA ASP C 101 18.32 -37.97 16.89
C ASP C 101 17.20 -38.99 17.05
N TRP C 102 16.24 -39.00 16.11
CA TRP C 102 15.06 -39.89 16.11
C TRP C 102 15.40 -41.34 15.70
N ALA C 103 16.24 -41.51 14.66
CA ALA C 103 16.57 -42.82 14.07
C ALA C 103 17.10 -43.89 15.05
N PRO C 104 18.00 -43.61 16.04
CA PRO C 104 18.54 -44.69 16.89
C PRO C 104 17.52 -45.43 17.75
N ARG C 105 16.50 -44.73 18.27
CA ARG C 105 15.48 -45.32 19.13
C ARG C 105 14.42 -46.12 18.40
N GLN C 106 14.46 -46.12 17.05
CA GLN C 106 13.44 -46.82 16.27
C GLN C 106 13.64 -48.33 16.24
N THR C 107 12.51 -49.05 16.21
CA THR C 107 12.43 -50.52 16.20
C THR C 107 13.01 -51.10 14.90
N HIS C 108 12.63 -50.51 13.75
CA HIS C 108 13.08 -50.98 12.45
C HIS C 108 14.20 -50.08 11.94
N LYS C 109 15.22 -50.69 11.32
CA LYS C 109 16.41 -50.00 10.84
C LYS C 109 16.08 -48.80 9.97
N VAL C 110 16.57 -47.63 10.35
CA VAL C 110 16.40 -46.38 9.61
C VAL C 110 17.68 -46.10 8.83
N ILE C 111 17.53 -45.80 7.52
CA ILE C 111 18.62 -45.44 6.60
C ILE C 111 18.47 -43.94 6.25
N PRO C 112 19.13 -43.03 6.99
CA PRO C 112 18.95 -41.59 6.73
C PRO C 112 19.91 -41.03 5.69
N LEU C 113 19.37 -40.30 4.71
CA LEU C 113 20.17 -39.69 3.64
C LEU C 113 19.86 -38.21 3.53
N LYS C 114 20.90 -37.39 3.48
CA LYS C 114 20.76 -35.93 3.47
C LYS C 114 20.92 -35.33 2.08
N GLY C 115 19.90 -34.59 1.66
CA GLY C 115 19.89 -33.84 0.42
C GLY C 115 18.55 -33.75 -0.27
N LEU C 116 18.51 -32.99 -1.38
CA LEU C 116 17.32 -32.89 -2.22
C LEU C 116 17.10 -34.27 -2.83
N TRP C 117 15.84 -34.73 -2.93
CA TRP C 117 15.60 -36.02 -3.60
C TRP C 117 16.13 -35.96 -5.04
N GLU C 118 16.17 -34.73 -5.63
CA GLU C 118 16.65 -34.52 -7.01
C GLU C 118 18.09 -35.01 -7.16
N ASP C 119 18.90 -34.87 -6.09
CA ASP C 119 20.30 -35.29 -5.99
C ASP C 119 20.48 -36.70 -5.42
N VAL C 120 19.68 -37.06 -4.40
CA VAL C 120 19.79 -38.34 -3.67
C VAL C 120 19.12 -39.53 -4.40
N ALA C 121 17.88 -39.35 -4.87
CA ALA C 121 17.14 -40.44 -5.54
C ALA C 121 17.91 -41.12 -6.71
N PRO C 122 18.70 -40.40 -7.57
CA PRO C 122 19.45 -41.11 -8.63
C PRO C 122 20.51 -42.12 -8.12
N THR C 123 20.88 -42.03 -6.82
CA THR C 123 21.85 -42.95 -6.19
C THR C 123 21.18 -44.22 -5.62
N LEU C 124 19.83 -44.23 -5.53
CA LEU C 124 19.09 -45.36 -4.98
C LEU C 124 18.91 -46.52 -5.98
N PRO C 125 18.92 -47.79 -5.49
CA PRO C 125 18.79 -48.94 -6.41
C PRO C 125 17.39 -49.16 -6.98
N ASP C 126 17.32 -49.55 -8.28
CA ASP C 126 16.08 -49.86 -9.01
C ASP C 126 15.37 -51.06 -8.35
N GLY C 127 14.04 -51.07 -8.41
CA GLY C 127 13.17 -52.14 -7.91
C GLY C 127 13.52 -52.68 -6.54
N HIS C 128 13.84 -51.78 -5.60
CA HIS C 128 14.30 -52.13 -4.27
C HIS C 128 13.25 -51.89 -3.17
N PHE C 129 12.21 -51.10 -3.46
CA PHE C 129 11.27 -50.69 -2.42
C PHE C 129 9.89 -51.28 -2.56
N ASP C 130 9.35 -51.76 -1.43
CA ASP C 130 7.99 -52.31 -1.33
C ASP C 130 6.96 -51.18 -1.23
N GLY C 131 7.38 -50.06 -0.67
CA GLY C 131 6.53 -48.89 -0.52
C GLY C 131 7.29 -47.58 -0.56
N ILE C 132 6.62 -46.53 -1.06
CA ILE C 132 7.18 -45.17 -1.15
C ILE C 132 6.16 -44.20 -0.60
N LEU C 133 6.61 -43.28 0.28
CA LEU C 133 5.78 -42.19 0.80
C LEU C 133 6.50 -40.89 0.39
N TYR C 134 5.91 -40.14 -0.56
CA TYR C 134 6.45 -38.83 -0.99
C TYR C 134 5.63 -37.71 -0.37
N ASP C 135 6.26 -36.93 0.50
CA ASP C 135 5.61 -35.76 1.11
C ASP C 135 6.67 -34.72 1.40
N THR C 136 7.03 -33.96 0.37
CA THR C 136 8.03 -32.92 0.56
C THR C 136 7.28 -31.58 0.61
N TYR C 137 7.81 -30.58 -0.05
CA TYR C 137 7.24 -29.25 -0.12
C TYR C 137 7.66 -28.62 -1.45
N PRO C 138 6.83 -27.79 -2.12
CA PRO C 138 7.29 -27.16 -3.38
C PRO C 138 8.44 -26.21 -3.09
N LEU C 139 9.48 -26.24 -3.90
CA LEU C 139 10.64 -25.37 -3.67
C LEU C 139 10.68 -24.15 -4.60
N SER C 140 9.69 -24.04 -5.47
CA SER C 140 9.57 -22.90 -6.37
C SER C 140 8.11 -22.66 -6.70
N GLU C 141 7.76 -21.42 -7.08
CA GLU C 141 6.39 -21.08 -7.48
C GLU C 141 6.01 -21.91 -8.72
N GLU C 142 6.97 -22.14 -9.62
CA GLU C 142 6.81 -22.90 -10.87
C GLU C 142 6.40 -24.36 -10.59
N THR C 143 6.94 -24.96 -9.52
CA THR C 143 6.67 -26.36 -9.17
C THR C 143 5.63 -26.55 -8.06
N TRP C 144 4.85 -25.47 -7.73
CA TRP C 144 3.76 -25.43 -6.74
C TRP C 144 2.82 -26.64 -6.91
N HIS C 145 2.33 -26.87 -8.13
CA HIS C 145 1.39 -27.94 -8.47
C HIS C 145 2.05 -29.18 -9.08
N THR C 146 3.35 -29.14 -9.40
CA THR C 146 3.99 -30.20 -10.17
C THR C 146 5.22 -30.91 -9.60
N HIS C 147 5.83 -30.44 -8.50
CA HIS C 147 7.07 -31.07 -7.99
C HIS C 147 6.98 -32.62 -7.81
N GLN C 148 5.81 -33.15 -7.39
CA GLN C 148 5.64 -34.60 -7.16
C GLN C 148 5.74 -35.43 -8.45
N PHE C 149 5.29 -34.85 -9.61
CA PHE C 149 5.30 -35.52 -10.91
C PHE C 149 6.72 -35.82 -11.39
N ASN C 150 7.65 -34.88 -11.13
CA ASN C 150 9.06 -35.05 -11.48
C ASN C 150 9.62 -36.23 -10.71
N PHE C 151 9.31 -36.34 -9.41
CA PHE C 151 9.74 -37.50 -8.62
C PHE C 151 9.06 -38.79 -9.07
N ILE C 152 7.73 -38.77 -9.27
CA ILE C 152 6.96 -39.96 -9.65
C ILE C 152 7.44 -40.53 -11.00
N LYS C 153 7.62 -39.67 -12.00
CA LYS C 153 8.03 -40.09 -13.34
C LYS C 153 9.47 -40.60 -13.37
N ASN C 154 10.41 -39.84 -12.78
CA ASN C 154 11.83 -40.20 -12.82
C ASN C 154 12.29 -41.19 -11.77
N HIS C 155 11.55 -41.38 -10.66
CA HIS C 155 12.04 -42.26 -9.60
C HIS C 155 11.05 -43.29 -9.03
N ALA C 156 9.80 -42.90 -8.71
CA ALA C 156 8.84 -43.82 -8.08
C ALA C 156 8.65 -45.12 -8.84
N PHE C 157 8.47 -45.04 -10.17
CA PHE C 157 8.25 -46.23 -11.01
C PHE C 157 9.45 -47.18 -11.02
N ARG C 158 10.66 -46.66 -11.29
CA ARG C 158 11.88 -47.47 -11.31
C ARG C 158 12.27 -48.02 -9.92
N LEU C 159 12.01 -47.25 -8.84
CA LEU C 159 12.40 -47.65 -7.48
C LEU C 159 11.53 -48.75 -6.89
N LEU C 160 10.26 -48.83 -7.28
CA LEU C 160 9.34 -49.82 -6.75
C LEU C 160 9.58 -51.21 -7.28
N LYS C 161 9.39 -52.19 -6.40
CA LYS C 161 9.44 -53.61 -6.74
C LYS C 161 8.10 -53.87 -7.47
N PRO C 162 7.97 -54.95 -8.30
CA PRO C 162 6.65 -55.27 -8.86
C PRO C 162 5.66 -55.50 -7.72
N GLY C 163 4.47 -54.90 -7.80
CA GLY C 163 3.49 -54.98 -6.73
C GLY C 163 3.67 -53.95 -5.62
N GLY C 164 4.76 -53.16 -5.70
CA GLY C 164 5.07 -52.10 -4.72
C GLY C 164 4.03 -50.99 -4.72
N VAL C 165 3.88 -50.28 -3.58
CA VAL C 165 2.87 -49.23 -3.49
C VAL C 165 3.47 -47.84 -3.29
N LEU C 166 3.01 -46.89 -4.11
CA LEU C 166 3.35 -45.48 -3.99
C LEU C 166 2.16 -44.71 -3.40
N THR C 167 2.46 -43.85 -2.44
CA THR C 167 1.51 -42.90 -1.88
C THR C 167 2.24 -41.55 -1.83
N TYR C 168 1.48 -40.46 -1.90
CA TYR C 168 2.05 -39.11 -1.87
C TYR C 168 0.98 -38.11 -1.60
N CYS C 169 1.38 -36.87 -1.35
CA CYS C 169 0.44 -35.76 -1.19
C CYS C 169 1.10 -34.49 -1.56
N ASN C 170 0.28 -33.47 -1.80
CA ASN C 170 0.71 -32.12 -2.09
C ASN C 170 -0.41 -31.22 -1.65
N LEU C 171 -0.43 -30.95 -0.33
CA LEU C 171 -1.50 -30.16 0.30
C LEU C 171 -1.51 -28.70 -0.14
N THR C 172 -0.34 -28.08 -0.38
CA THR C 172 -0.31 -26.69 -0.92
C THR C 172 -1.06 -26.64 -2.25
N SER C 173 -0.81 -27.64 -3.13
CA SER C 173 -1.49 -27.69 -4.43
C SER C 173 -2.97 -28.03 -4.31
N TRP C 174 -3.32 -29.09 -3.55
CA TRP C 174 -4.69 -29.60 -3.44
C TRP C 174 -5.61 -28.66 -2.65
N GLY C 175 -5.02 -27.92 -1.71
CA GLY C 175 -5.72 -26.90 -0.93
C GLY C 175 -6.25 -25.80 -1.83
N GLU C 176 -5.41 -25.31 -2.74
CA GLU C 176 -5.77 -24.30 -3.74
C GLU C 176 -6.83 -24.84 -4.71
N LEU C 177 -6.60 -26.02 -5.30
CA LEU C 177 -7.51 -26.67 -6.26
C LEU C 177 -8.92 -26.92 -5.70
N MET C 178 -9.03 -27.14 -4.39
CA MET C 178 -10.32 -27.40 -3.73
C MET C 178 -11.05 -26.11 -3.31
N LYS C 179 -10.40 -24.94 -3.43
CA LYS C 179 -11.00 -23.66 -3.06
C LYS C 179 -11.91 -23.10 -4.15
N SER C 180 -11.53 -23.24 -5.44
CA SER C 180 -12.32 -22.70 -6.54
C SER C 180 -12.55 -23.68 -7.71
N LYS C 181 -11.49 -24.31 -8.22
CA LYS C 181 -11.56 -25.21 -9.37
C LYS C 181 -12.41 -26.47 -9.14
N TYR C 182 -12.38 -27.07 -7.92
CA TYR C 182 -13.11 -28.32 -7.64
C TYR C 182 -13.88 -28.31 -6.34
N SER C 183 -14.99 -29.05 -6.30
CA SER C 183 -15.82 -29.22 -5.10
C SER C 183 -15.89 -30.74 -4.74
N ASP C 184 -15.35 -31.58 -5.62
CA ASP C 184 -15.29 -33.04 -5.45
C ASP C 184 -13.81 -33.44 -5.52
N ILE C 185 -13.29 -33.97 -4.40
CA ILE C 185 -11.87 -34.30 -4.27
C ILE C 185 -11.42 -35.44 -5.21
N THR C 186 -12.31 -36.41 -5.51
CA THR C 186 -11.98 -37.51 -6.41
C THR C 186 -11.86 -36.99 -7.85
N ILE C 187 -12.70 -35.98 -8.24
CA ILE C 187 -12.67 -35.34 -9.57
C ILE C 187 -11.36 -34.56 -9.72
N MET C 188 -10.95 -33.78 -8.69
CA MET C 188 -9.67 -33.03 -8.66
C MET C 188 -8.52 -33.99 -8.91
N PHE C 189 -8.53 -35.13 -8.21
CA PHE C 189 -7.50 -36.14 -8.38
C PHE C 189 -7.50 -36.72 -9.79
N GLU C 190 -8.67 -37.10 -10.29
CA GLU C 190 -8.81 -37.68 -11.63
C GLU C 190 -8.29 -36.77 -12.74
N GLU C 191 -8.63 -35.48 -12.67
CA GLU C 191 -8.26 -34.51 -13.70
C GLU C 191 -6.83 -34.01 -13.61
N THR C 192 -6.31 -33.74 -12.39
CA THR C 192 -4.98 -33.16 -12.23
C THR C 192 -3.85 -34.15 -11.91
N GLN C 193 -4.17 -35.35 -11.36
CA GLN C 193 -3.10 -36.28 -10.95
C GLN C 193 -2.97 -37.53 -11.82
N VAL C 194 -4.10 -38.17 -12.17
CA VAL C 194 -4.14 -39.43 -12.93
C VAL C 194 -3.33 -39.36 -14.26
N PRO C 195 -3.44 -38.32 -15.14
CA PRO C 195 -2.66 -38.35 -16.38
C PRO C 195 -1.13 -38.44 -16.17
N ALA C 196 -0.57 -37.73 -15.18
CA ALA C 196 0.86 -37.80 -14.87
C ALA C 196 1.24 -39.18 -14.34
N LEU C 197 0.34 -39.81 -13.54
CA LEU C 197 0.57 -41.15 -12.99
C LEU C 197 0.60 -42.19 -14.11
N LEU C 198 -0.27 -42.03 -15.12
CA LEU C 198 -0.33 -42.93 -16.29
C LEU C 198 0.94 -42.76 -17.14
N GLU C 199 1.39 -41.53 -17.33
CA GLU C 199 2.59 -41.14 -18.07
C GLU C 199 3.84 -41.75 -17.41
N ALA C 200 3.84 -41.81 -16.06
CA ALA C 200 4.91 -42.38 -15.25
C ALA C 200 5.06 -43.90 -15.43
N GLY C 201 4.02 -44.57 -15.95
CA GLY C 201 4.04 -46.01 -16.19
C GLY C 201 3.04 -46.83 -15.40
N PHE C 202 2.26 -46.17 -14.53
CA PHE C 202 1.24 -46.87 -13.73
C PHE C 202 -0.03 -47.06 -14.53
N ARG C 203 -0.75 -48.17 -14.30
CA ARG C 203 -2.00 -48.47 -15.01
C ARG C 203 -3.19 -47.99 -14.20
N ARG C 204 -4.24 -47.48 -14.87
CA ARG C 204 -5.44 -46.95 -14.23
C ARG C 204 -6.09 -47.93 -13.22
N GLU C 205 -6.13 -49.23 -13.55
CA GLU C 205 -6.72 -50.25 -12.67
C GLU C 205 -5.91 -50.44 -11.38
N ASN C 206 -4.66 -49.95 -11.36
CA ASN C 206 -3.76 -50.06 -10.20
C ASN C 206 -3.70 -48.78 -9.38
N ILE C 207 -4.60 -47.81 -9.69
CA ILE C 207 -4.70 -46.54 -8.97
C ILE C 207 -6.02 -46.54 -8.22
N ARG C 208 -5.93 -46.43 -6.89
CA ARG C 208 -7.09 -46.35 -6.00
C ARG C 208 -6.91 -45.13 -5.10
N THR C 209 -8.00 -44.62 -4.57
CA THR C 209 -7.93 -43.51 -3.65
C THR C 209 -8.78 -43.79 -2.44
N GLU C 210 -8.32 -43.32 -1.28
CA GLU C 210 -9.05 -43.40 -0.03
C GLU C 210 -9.38 -41.97 0.37
N VAL C 211 -10.66 -41.70 0.60
CA VAL C 211 -11.07 -40.38 1.05
C VAL C 211 -11.33 -40.53 2.54
N MET C 212 -10.95 -39.52 3.34
CA MET C 212 -11.20 -39.50 4.76
C MET C 212 -11.72 -38.14 5.18
N ALA C 213 -12.57 -38.12 6.20
CA ALA C 213 -13.12 -36.88 6.74
C ALA C 213 -12.09 -36.30 7.71
N LEU C 214 -11.74 -35.02 7.52
CA LEU C 214 -10.81 -34.27 8.36
C LEU C 214 -11.04 -32.80 8.10
N VAL C 215 -11.48 -32.07 9.13
CA VAL C 215 -11.74 -30.64 9.03
C VAL C 215 -10.48 -29.88 9.49
N PRO C 216 -9.84 -29.06 8.61
CA PRO C 216 -8.65 -28.32 9.04
C PRO C 216 -9.00 -27.15 9.99
N PRO C 217 -8.05 -26.58 10.76
CA PRO C 217 -8.40 -25.42 11.60
C PRO C 217 -8.75 -24.21 10.72
N ALA C 218 -9.52 -23.25 11.28
CA ALA C 218 -9.99 -22.04 10.60
C ALA C 218 -8.87 -21.10 10.13
N ASP C 219 -7.72 -21.11 10.80
CA ASP C 219 -6.60 -20.23 10.45
C ASP C 219 -5.59 -20.88 9.48
N CYS C 220 -5.89 -22.10 8.96
CA CYS C 220 -5.01 -22.81 8.03
C CYS C 220 -4.95 -22.10 6.68
N ARG C 221 -3.75 -21.56 6.38
CA ARG C 221 -3.39 -20.79 5.20
C ARG C 221 -3.44 -21.58 3.88
N TYR C 222 -3.06 -22.87 3.91
CA TYR C 222 -2.93 -23.69 2.70
C TYR C 222 -4.01 -24.76 2.44
N TYR C 223 -5.00 -25.01 3.35
CA TYR C 223 -6.03 -26.04 3.17
C TYR C 223 -7.33 -25.71 3.93
N ALA C 224 -8.48 -25.82 3.24
CA ALA C 224 -9.80 -25.53 3.82
C ALA C 224 -10.85 -26.63 3.55
N PHE C 225 -10.56 -27.57 2.63
CA PHE C 225 -11.49 -28.65 2.28
C PHE C 225 -11.68 -29.64 3.44
N PRO C 226 -12.93 -30.09 3.73
CA PRO C 226 -13.15 -30.98 4.89
C PRO C 226 -12.89 -32.46 4.63
N GLN C 227 -12.12 -32.78 3.57
CA GLN C 227 -11.73 -34.14 3.24
C GLN C 227 -10.30 -34.16 2.76
N MET C 228 -9.66 -35.30 2.96
CA MET C 228 -8.31 -35.60 2.50
C MET C 228 -8.38 -36.77 1.58
N ILE C 229 -7.46 -36.86 0.59
CA ILE C 229 -7.43 -37.98 -0.33
C ILE C 229 -6.07 -38.66 -0.25
N THR C 230 -6.08 -39.99 -0.05
CA THR C 230 -4.87 -40.81 0.02
C THR C 230 -4.75 -41.66 -1.24
N PRO C 231 -3.75 -41.39 -2.10
CA PRO C 231 -3.60 -42.22 -3.30
C PRO C 231 -2.87 -43.52 -2.97
N LEU C 232 -3.26 -44.61 -3.65
CA LEU C 232 -2.60 -45.92 -3.54
C LEU C 232 -2.31 -46.33 -4.96
N VAL C 233 -1.06 -46.13 -5.37
CA VAL C 233 -0.59 -46.33 -6.73
C VAL C 233 0.35 -47.54 -6.75
N THR C 234 -0.15 -48.66 -7.27
CA THR C 234 0.57 -49.93 -7.30
C THR C 234 1.31 -50.16 -8.62
N LYS C 235 2.56 -50.63 -8.54
CA LYS C 235 3.34 -50.97 -9.72
C LYS C 235 2.88 -52.35 -10.23
N GLY C 236 2.72 -52.48 -11.54
CA GLY C 236 2.27 -53.72 -12.19
C GLY C 236 3.29 -54.85 -12.12
N PRO D 18 -21.29 25.52 -13.27
CA PRO D 18 -21.32 26.98 -13.44
C PRO D 18 -20.16 27.71 -12.75
N ALA D 19 -19.53 27.08 -11.73
CA ALA D 19 -18.41 27.66 -10.97
C ALA D 19 -17.02 27.26 -11.49
N TRP D 20 -16.95 26.22 -12.36
CA TRP D 20 -15.68 25.70 -12.89
C TRP D 20 -14.80 26.74 -13.61
N GLY D 21 -15.40 27.56 -14.47
CA GLY D 21 -14.69 28.57 -15.24
C GLY D 21 -13.89 29.54 -14.39
N ALA D 22 -14.53 30.13 -13.38
CA ALA D 22 -13.91 31.14 -12.52
C ALA D 22 -13.14 30.58 -11.30
N ALA D 23 -13.21 29.25 -11.06
CA ALA D 23 -12.54 28.61 -9.94
C ALA D 23 -10.99 28.64 -10.08
N PRO D 24 -10.26 29.06 -9.03
CA PRO D 24 -8.80 29.12 -9.15
C PRO D 24 -8.18 27.75 -9.43
N ALA D 25 -7.20 27.70 -10.34
CA ALA D 25 -6.51 26.46 -10.66
C ALA D 25 -5.28 26.37 -9.77
N ALA D 26 -5.24 25.34 -8.90
CA ALA D 26 -4.15 25.16 -7.96
C ALA D 26 -3.11 24.14 -8.43
N TYR D 27 -2.01 24.62 -9.00
CA TYR D 27 -0.89 23.78 -9.44
C TYR D 27 0.10 23.79 -8.27
N ASP D 28 0.44 22.60 -7.68
CA ASP D 28 1.37 22.54 -6.54
C ASP D 28 2.77 23.01 -6.94
N ALA D 29 3.63 23.39 -5.96
CA ALA D 29 4.99 23.89 -6.26
C ALA D 29 5.82 22.88 -7.03
N ALA D 30 5.71 21.59 -6.67
CA ALA D 30 6.44 20.52 -7.36
C ALA D 30 5.87 20.19 -8.76
N ASP D 31 4.73 20.83 -9.13
CA ASP D 31 3.97 20.65 -10.39
C ASP D 31 3.72 19.15 -10.66
N THR D 32 3.16 18.47 -9.64
CA THR D 32 2.80 17.05 -9.72
C THR D 32 1.31 16.89 -9.60
N HIS D 33 0.62 17.94 -9.14
CA HIS D 33 -0.83 17.92 -8.95
C HIS D 33 -1.51 19.18 -9.48
N LEU D 34 -2.75 19.02 -9.95
CA LEU D 34 -3.64 20.11 -10.34
C LEU D 34 -4.93 19.87 -9.59
N ARG D 35 -5.32 20.88 -8.82
CA ARG D 35 -6.55 20.88 -8.03
C ARG D 35 -7.44 22.04 -8.46
N ILE D 36 -8.74 21.77 -8.66
CA ILE D 36 -9.74 22.79 -8.98
C ILE D 36 -10.91 22.52 -8.03
N LEU D 37 -11.31 23.54 -7.25
CA LEU D 37 -12.35 23.43 -6.21
C LEU D 37 -11.93 22.30 -5.25
N GLY D 38 -10.59 22.18 -5.12
CA GLY D 38 -9.87 21.20 -4.32
C GLY D 38 -9.90 19.78 -4.85
N LYS D 39 -10.77 19.49 -5.86
CA LYS D 39 -10.91 18.16 -6.47
C LYS D 39 -9.61 17.75 -7.19
N PRO D 40 -9.25 16.44 -7.15
CA PRO D 40 -7.98 16.00 -7.77
C PRO D 40 -8.15 15.76 -9.27
N VAL D 41 -8.03 16.83 -10.07
CA VAL D 41 -8.30 16.81 -11.52
C VAL D 41 -7.18 16.18 -12.34
N MET D 42 -5.90 16.40 -11.97
CA MET D 42 -4.80 15.79 -12.69
C MET D 42 -3.59 15.57 -11.79
N GLU D 43 -2.88 14.45 -12.00
CA GLU D 43 -1.68 14.11 -11.21
C GLU D 43 -0.61 13.54 -12.14
N ARG D 44 0.67 13.92 -11.93
CA ARG D 44 1.79 13.51 -12.77
C ARG D 44 2.06 11.97 -12.78
N TRP D 45 1.56 11.19 -11.77
CA TRP D 45 1.75 9.73 -11.82
C TRP D 45 1.11 9.12 -13.08
N GLU D 46 0.08 9.80 -13.62
CA GLU D 46 -0.67 9.36 -14.80
C GLU D 46 0.13 9.44 -16.10
N THR D 47 1.30 10.11 -16.10
CA THR D 47 2.15 10.36 -17.30
C THR D 47 2.24 9.17 -18.30
N PRO D 48 2.64 7.92 -17.92
CA PRO D 48 2.73 6.86 -18.96
C PRO D 48 1.38 6.62 -19.65
N TYR D 49 0.26 6.74 -18.90
CA TYR D 49 -1.08 6.56 -19.44
C TYR D 49 -1.47 7.72 -20.37
N MET D 50 -1.19 8.98 -19.94
CA MET D 50 -1.43 10.17 -20.78
C MET D 50 -0.65 10.04 -22.10
N HIS D 51 0.56 9.42 -22.07
CA HIS D 51 1.38 9.19 -23.27
C HIS D 51 0.71 8.16 -24.21
N ALA D 52 0.06 7.12 -23.64
CA ALA D 52 -0.67 6.09 -24.42
C ALA D 52 -1.88 6.73 -25.14
N LEU D 53 -2.66 7.61 -24.44
CA LEU D 53 -3.79 8.34 -25.06
C LEU D 53 -3.27 9.29 -26.16
N ALA D 54 -2.20 10.05 -25.87
CA ALA D 54 -1.60 10.98 -26.83
C ALA D 54 -1.15 10.27 -28.10
N ALA D 55 -0.48 9.09 -27.96
CA ALA D 55 -0.03 8.28 -29.12
C ALA D 55 -1.23 7.84 -29.96
N ALA D 56 -2.33 7.41 -29.30
CA ALA D 56 -3.54 6.97 -29.98
C ALA D 56 -4.21 8.11 -30.76
N ALA D 57 -4.42 9.29 -30.13
CA ALA D 57 -5.06 10.44 -30.77
C ALA D 57 -4.22 11.04 -31.90
N SER D 58 -2.87 10.92 -31.81
CA SER D 58 -2.00 11.49 -32.82
C SER D 58 -1.47 10.45 -33.82
N SER D 59 -1.97 9.20 -33.76
CA SER D 59 -1.55 8.07 -34.61
C SER D 59 -1.86 8.26 -36.09
N LYS D 60 -2.80 9.13 -36.46
CA LYS D 60 -3.15 9.39 -37.87
C LYS D 60 -2.58 10.72 -38.38
N GLY D 61 -1.80 11.41 -37.53
CA GLY D 61 -1.23 12.72 -37.83
C GLY D 61 -2.34 13.76 -37.98
N GLY D 62 -2.18 14.65 -38.96
CA GLY D 62 -3.14 15.68 -39.31
C GLY D 62 -3.63 16.60 -38.20
N ARG D 63 -4.95 16.80 -38.12
CA ARG D 63 -5.59 17.68 -37.14
C ARG D 63 -6.07 16.90 -35.93
N VAL D 64 -5.55 17.24 -34.75
CA VAL D 64 -5.89 16.57 -33.50
C VAL D 64 -6.66 17.51 -32.58
N LEU D 65 -7.82 17.04 -32.08
CA LEU D 65 -8.62 17.81 -31.15
C LEU D 65 -8.41 17.24 -29.75
N GLU D 66 -7.99 18.08 -28.81
CA GLU D 66 -7.81 17.66 -27.42
C GLU D 66 -8.81 18.42 -26.54
N VAL D 67 -9.60 17.68 -25.75
CA VAL D 67 -10.61 18.26 -24.85
C VAL D 67 -10.13 18.12 -23.40
N GLY D 68 -9.74 19.24 -22.80
CA GLY D 68 -9.17 19.29 -21.45
C GLY D 68 -7.66 19.40 -21.54
N PHE D 69 -7.08 20.53 -21.10
CA PHE D 69 -5.64 20.74 -21.21
C PHE D 69 -4.85 20.23 -19.97
N GLY D 70 -5.40 20.46 -18.78
CA GLY D 70 -4.84 20.02 -17.50
C GLY D 70 -3.40 20.47 -17.23
N MET D 71 -2.49 19.48 -17.16
CA MET D 71 -1.06 19.73 -16.87
C MET D 71 -0.20 19.69 -18.12
N ALA D 72 -0.85 19.68 -19.31
CA ALA D 72 -0.17 19.64 -20.61
C ALA D 72 0.62 18.34 -20.84
N ILE D 73 0.36 17.26 -20.07
CA ILE D 73 1.14 16.02 -20.22
C ILE D 73 0.81 15.31 -21.54
N ALA D 74 -0.49 15.04 -21.80
CA ALA D 74 -0.92 14.43 -23.06
C ALA D 74 -0.60 15.38 -24.23
N ALA D 75 -0.85 16.69 -24.04
CA ALA D 75 -0.64 17.71 -25.07
C ALA D 75 0.80 17.79 -25.54
N SER D 76 1.77 17.70 -24.61
CA SER D 76 3.20 17.74 -24.95
C SER D 76 3.61 16.50 -25.73
N LYS D 77 3.00 15.31 -25.39
CA LYS D 77 3.22 14.07 -26.13
C LYS D 77 2.60 14.13 -27.53
N VAL D 78 1.41 14.78 -27.70
CA VAL D 78 0.74 14.94 -29.02
C VAL D 78 1.66 15.75 -29.94
N GLN D 79 2.30 16.79 -29.39
CA GLN D 79 3.22 17.70 -30.09
C GLN D 79 4.51 17.02 -30.60
N GLU D 80 4.85 15.84 -30.05
CA GLU D 80 6.03 15.09 -30.48
C GLU D 80 5.75 14.29 -31.77
N ALA D 81 4.46 14.10 -32.11
CA ALA D 81 4.04 13.34 -33.30
C ALA D 81 3.99 14.26 -34.53
N PRO D 82 4.15 13.74 -35.79
CA PRO D 82 4.10 14.64 -36.95
C PRO D 82 2.67 15.04 -37.32
N ILE D 83 2.08 15.95 -36.52
CA ILE D 83 0.71 16.46 -36.72
C ILE D 83 0.78 17.82 -37.44
N ASP D 84 -0.38 18.32 -37.95
CA ASP D 84 -0.47 19.60 -38.66
C ASP D 84 -1.06 20.70 -37.78
N GLU D 85 -2.12 20.37 -37.02
CA GLU D 85 -2.82 21.32 -36.13
C GLU D 85 -3.20 20.63 -34.83
N HIS D 86 -3.18 21.41 -33.74
CA HIS D 86 -3.54 20.93 -32.42
C HIS D 86 -4.60 21.85 -31.84
N TRP D 87 -5.87 21.44 -31.92
CA TRP D 87 -6.99 22.21 -31.38
C TRP D 87 -7.18 21.77 -29.93
N ILE D 88 -7.28 22.73 -29.00
CA ILE D 88 -7.41 22.42 -27.57
C ILE D 88 -8.54 23.23 -26.94
N ILE D 89 -9.52 22.51 -26.35
CA ILE D 89 -10.67 23.11 -25.66
C ILE D 89 -10.43 23.00 -24.14
N GLU D 90 -10.56 24.13 -23.44
CA GLU D 90 -10.37 24.20 -21.97
C GLU D 90 -11.35 25.19 -21.37
N CYS D 91 -12.08 24.79 -20.34
N CYS D 91 -12.10 24.79 -20.33
CA CYS D 91 -13.08 25.65 -19.70
CA CYS D 91 -13.14 25.62 -19.68
C CYS D 91 -12.48 26.58 -18.65
C CYS D 91 -12.69 26.45 -18.48
N ASN D 92 -11.58 26.06 -17.80
CA ASN D 92 -11.06 26.77 -16.63
C ASN D 92 -10.13 27.88 -17.04
N ASP D 93 -10.43 29.10 -16.56
CA ASP D 93 -9.65 30.31 -16.88
C ASP D 93 -8.17 30.18 -16.51
N GLY D 94 -7.89 29.63 -15.33
CA GLY D 94 -6.55 29.40 -14.82
C GLY D 94 -5.77 28.43 -15.69
N VAL D 95 -6.40 27.30 -16.07
CA VAL D 95 -5.77 26.31 -16.94
C VAL D 95 -5.60 26.91 -18.36
N PHE D 96 -6.60 27.68 -18.83
CA PHE D 96 -6.54 28.32 -20.15
C PHE D 96 -5.35 29.31 -20.25
N GLN D 97 -5.00 29.97 -19.13
CA GLN D 97 -3.86 30.89 -19.08
C GLN D 97 -2.56 30.09 -19.28
N ARG D 98 -2.44 28.88 -18.65
CA ARG D 98 -1.28 27.98 -18.82
C ARG D 98 -1.22 27.52 -20.30
N LEU D 99 -2.39 27.26 -20.94
CA LEU D 99 -2.46 26.88 -22.35
C LEU D 99 -1.92 28.04 -23.25
N ARG D 100 -2.30 29.30 -22.92
CA ARG D 100 -1.85 30.50 -23.63
C ARG D 100 -0.33 30.69 -23.56
N ASP D 101 0.28 30.35 -22.40
CA ASP D 101 1.73 30.47 -22.21
C ASP D 101 2.48 29.32 -22.90
N TRP D 102 1.86 28.14 -22.94
CA TRP D 102 2.44 26.91 -23.52
C TRP D 102 2.41 26.90 -25.06
N ALA D 103 1.28 27.34 -25.67
CA ALA D 103 1.04 27.32 -27.11
C ALA D 103 2.13 27.97 -28.00
N PRO D 104 2.71 29.16 -27.67
CA PRO D 104 3.69 29.78 -28.60
C PRO D 104 4.96 28.98 -28.87
N ARG D 105 5.48 28.28 -27.85
CA ARG D 105 6.72 27.51 -27.98
C ARG D 105 6.55 26.17 -28.69
N GLN D 106 5.32 25.79 -29.04
CA GLN D 106 5.06 24.50 -29.69
C GLN D 106 5.41 24.49 -31.18
N THR D 107 5.90 23.33 -31.63
CA THR D 107 6.33 23.08 -33.00
C THR D 107 5.13 23.13 -33.98
N HIS D 108 4.02 22.47 -33.60
CA HIS D 108 2.83 22.41 -34.45
C HIS D 108 1.80 23.41 -33.96
N LYS D 109 1.14 24.11 -34.91
CA LYS D 109 0.16 25.17 -34.66
C LYS D 109 -0.89 24.75 -33.66
N VAL D 110 -1.02 25.52 -32.57
CA VAL D 110 -1.99 25.27 -31.51
C VAL D 110 -3.17 26.22 -31.68
N ILE D 111 -4.41 25.68 -31.64
CA ILE D 111 -5.66 26.45 -31.77
C ILE D 111 -6.36 26.39 -30.41
N PRO D 112 -6.15 27.41 -29.53
CA PRO D 112 -6.76 27.36 -28.18
C PRO D 112 -8.15 27.97 -28.13
N LEU D 113 -9.10 27.23 -27.55
CA LEU D 113 -10.49 27.69 -27.41
C LEU D 113 -10.93 27.59 -25.97
N LYS D 114 -11.49 28.68 -25.44
CA LYS D 114 -11.92 28.74 -24.04
C LYS D 114 -13.41 28.51 -23.87
N GLY D 115 -13.75 27.52 -23.05
CA GLY D 115 -15.13 27.22 -22.70
C GLY D 115 -15.40 25.74 -22.47
N LEU D 116 -16.61 25.44 -22.04
CA LEU D 116 -17.09 24.07 -21.82
C LEU D 116 -17.19 23.45 -23.20
N TRP D 117 -16.82 22.16 -23.37
CA TRP D 117 -16.97 21.53 -24.67
C TRP D 117 -18.46 21.56 -25.09
N GLU D 118 -19.38 21.58 -24.09
CA GLU D 118 -20.83 21.62 -24.32
C GLU D 118 -21.21 22.83 -25.17
N ASP D 119 -20.49 23.95 -24.98
CA ASP D 119 -20.68 25.21 -25.70
C ASP D 119 -19.77 25.34 -26.93
N VAL D 120 -18.50 24.88 -26.82
CA VAL D 120 -17.48 25.02 -27.87
C VAL D 120 -17.60 23.97 -29.00
N ALA D 121 -17.75 22.66 -28.66
CA ALA D 121 -17.83 21.60 -29.68
C ALA D 121 -18.88 21.85 -30.78
N PRO D 122 -20.12 22.39 -30.51
CA PRO D 122 -21.08 22.66 -31.61
C PRO D 122 -20.58 23.65 -32.67
N THR D 123 -19.52 24.45 -32.36
CA THR D 123 -18.94 25.44 -33.27
C THR D 123 -17.83 24.85 -34.17
N LEU D 124 -17.38 23.64 -33.85
CA LEU D 124 -16.32 22.96 -34.60
C LEU D 124 -16.82 22.30 -35.91
N PRO D 125 -16.01 22.32 -36.99
CA PRO D 125 -16.48 21.77 -38.27
C PRO D 125 -16.56 20.24 -38.34
N ASP D 126 -17.61 19.71 -38.98
CA ASP D 126 -17.83 18.27 -39.21
C ASP D 126 -16.70 17.67 -40.03
N GLY D 127 -16.36 16.42 -39.73
CA GLY D 127 -15.34 15.61 -40.42
C GLY D 127 -14.03 16.32 -40.67
N HIS D 128 -13.54 17.05 -39.66
CA HIS D 128 -12.34 17.87 -39.78
C HIS D 128 -11.12 17.30 -39.05
N PHE D 129 -11.33 16.34 -38.13
CA PHE D 129 -10.26 15.86 -37.27
C PHE D 129 -9.84 14.44 -37.53
N ASP D 130 -8.51 14.25 -37.58
CA ASP D 130 -7.89 12.93 -37.77
C ASP D 130 -7.85 12.15 -36.46
N GLY D 131 -7.83 12.89 -35.36
CA GLY D 131 -7.80 12.32 -34.03
C GLY D 131 -8.45 13.18 -32.97
N ILE D 132 -9.03 12.55 -31.95
CA ILE D 132 -9.66 13.23 -30.80
C ILE D 132 -9.17 12.60 -29.50
N LEU D 133 -8.76 13.45 -28.54
CA LEU D 133 -8.40 13.00 -27.19
C LEU D 133 -9.36 13.70 -26.22
N TYR D 134 -10.26 12.93 -25.57
CA TYR D 134 -11.20 13.47 -24.59
C TYR D 134 -10.76 13.07 -23.19
N ASP D 135 -10.35 14.07 -22.38
CA ASP D 135 -10.00 13.83 -20.99
C ASP D 135 -10.34 15.08 -20.16
N THR D 136 -11.64 15.19 -19.77
CA THR D 136 -12.13 16.32 -18.95
C THR D 136 -12.38 15.78 -17.57
N TYR D 137 -13.30 16.39 -16.83
CA TYR D 137 -13.66 15.98 -15.48
C TYR D 137 -15.18 16.07 -15.30
N PRO D 138 -15.83 15.15 -14.53
CA PRO D 138 -17.29 15.29 -14.34
C PRO D 138 -17.55 16.58 -13.57
N LEU D 139 -18.52 17.36 -14.06
CA LEU D 139 -18.85 18.66 -13.47
C LEU D 139 -20.14 18.59 -12.66
N SER D 140 -20.73 17.39 -12.61
CA SER D 140 -21.92 17.08 -11.82
C SER D 140 -21.82 15.65 -11.28
N GLU D 141 -22.49 15.38 -10.15
CA GLU D 141 -22.54 14.06 -9.52
C GLU D 141 -23.25 13.06 -10.46
N GLU D 142 -24.33 13.52 -11.11
CA GLU D 142 -25.16 12.76 -12.04
C GLU D 142 -24.39 12.27 -13.29
N THR D 143 -23.42 13.06 -13.78
CA THR D 143 -22.66 12.75 -15.00
C THR D 143 -21.27 12.10 -14.71
N TRP D 144 -21.04 11.67 -13.46
CA TRP D 144 -19.79 11.04 -12.99
C TRP D 144 -19.31 9.95 -13.95
N HIS D 145 -20.21 9.01 -14.26
CA HIS D 145 -19.87 7.86 -15.11
C HIS D 145 -20.27 8.02 -16.58
N THR D 146 -20.92 9.15 -16.94
CA THR D 146 -21.49 9.31 -18.29
C THR D 146 -21.12 10.57 -19.08
N HIS D 147 -20.41 11.56 -18.47
CA HIS D 147 -20.11 12.82 -19.18
C HIS D 147 -19.43 12.58 -20.53
N GLN D 148 -18.56 11.55 -20.66
CA GLN D 148 -17.88 11.28 -21.92
C GLN D 148 -18.85 10.83 -23.04
N PHE D 149 -19.94 10.11 -22.70
CA PHE D 149 -20.91 9.60 -23.65
C PHE D 149 -21.68 10.72 -24.34
N ASN D 150 -22.01 11.79 -23.59
CA ASN D 150 -22.66 12.97 -24.13
C ASN D 150 -21.76 13.60 -25.20
N PHE D 151 -20.44 13.73 -24.92
CA PHE D 151 -19.51 14.23 -25.93
C PHE D 151 -19.36 13.26 -27.12
N ILE D 152 -19.13 11.96 -26.84
CA ILE D 152 -18.91 10.95 -27.89
C ILE D 152 -20.10 10.86 -28.85
N LYS D 153 -21.33 10.77 -28.31
CA LYS D 153 -22.55 10.65 -29.11
C LYS D 153 -22.85 11.91 -29.92
N ASN D 154 -22.80 13.09 -29.29
CA ASN D 154 -23.14 14.33 -29.97
C ASN D 154 -22.02 14.95 -30.82
N HIS D 155 -20.74 14.63 -30.55
CA HIS D 155 -19.67 15.31 -31.27
C HIS D 155 -18.57 14.45 -31.85
N ALA D 156 -18.01 13.47 -31.11
CA ALA D 156 -16.87 12.67 -31.61
C ALA D 156 -17.10 12.05 -33.00
N PHE D 157 -18.28 11.45 -33.22
CA PHE D 157 -18.59 10.81 -34.50
C PHE D 157 -18.65 11.80 -35.68
N ARG D 158 -19.40 12.92 -35.53
CA ARG D 158 -19.51 13.93 -36.58
C ARG D 158 -18.19 14.68 -36.82
N LEU D 159 -17.37 14.89 -35.77
CA LEU D 159 -16.11 15.65 -35.90
C LEU D 159 -14.99 14.89 -36.60
N LEU D 160 -14.98 13.56 -36.47
CA LEU D 160 -13.94 12.74 -37.08
C LEU D 160 -14.06 12.62 -38.57
N LYS D 161 -12.90 12.59 -39.23
CA LYS D 161 -12.78 12.33 -40.67
C LYS D 161 -13.00 10.81 -40.80
N PRO D 162 -13.39 10.27 -41.99
CA PRO D 162 -13.45 8.79 -42.12
C PRO D 162 -12.06 8.22 -41.84
N GLY D 163 -11.99 7.19 -41.01
CA GLY D 163 -10.72 6.62 -40.61
C GLY D 163 -10.09 7.29 -39.39
N GLY D 164 -10.70 8.37 -38.91
CA GLY D 164 -10.22 9.12 -37.75
C GLY D 164 -10.29 8.32 -36.45
N VAL D 165 -9.44 8.64 -35.48
CA VAL D 165 -9.39 7.87 -34.22
C VAL D 165 -9.80 8.70 -32.98
N LEU D 166 -10.66 8.13 -32.16
CA LEU D 166 -11.11 8.68 -30.88
C LEU D 166 -10.48 7.87 -29.75
N THR D 167 -9.95 8.60 -28.77
CA THR D 167 -9.44 8.04 -27.52
C THR D 167 -9.98 8.90 -26.40
N TYR D 168 -10.19 8.30 -25.24
CA TYR D 168 -10.71 9.04 -24.09
C TYR D 168 -10.47 8.26 -22.85
N CYS D 169 -10.74 8.89 -21.70
CA CYS D 169 -10.67 8.21 -20.43
C CYS D 169 -11.59 8.91 -19.45
N ASN D 170 -11.94 8.22 -18.37
CA ASN D 170 -12.75 8.76 -17.27
C ASN D 170 -12.25 8.01 -16.06
N LEU D 171 -11.10 8.47 -15.50
CA LEU D 171 -10.45 7.82 -14.36
C LEU D 171 -11.27 7.89 -13.06
N THR D 172 -12.00 9.00 -12.80
CA THR D 172 -12.79 9.04 -11.55
C THR D 172 -13.96 8.02 -11.64
N SER D 173 -14.46 7.75 -12.85
CA SER D 173 -15.50 6.73 -13.05
C SER D 173 -14.88 5.32 -12.99
N TRP D 174 -13.84 5.06 -13.82
CA TRP D 174 -13.21 3.73 -13.93
C TRP D 174 -12.51 3.29 -12.64
N GLY D 175 -11.87 4.21 -11.89
CA GLY D 175 -11.30 3.86 -10.59
C GLY D 175 -12.30 3.30 -9.60
N GLU D 176 -13.55 3.87 -9.61
CA GLU D 176 -14.67 3.46 -8.77
C GLU D 176 -15.21 2.11 -9.20
N LEU D 177 -15.38 1.94 -10.53
CA LEU D 177 -15.91 0.68 -11.06
C LEU D 177 -14.97 -0.47 -10.79
N MET D 178 -13.66 -0.20 -10.74
CA MET D 178 -12.64 -1.21 -10.48
C MET D 178 -12.49 -1.56 -8.98
N LYS D 179 -13.10 -0.76 -8.10
CA LYS D 179 -13.05 -0.99 -6.65
C LYS D 179 -14.04 -2.04 -6.20
N SER D 180 -15.25 -2.09 -6.81
CA SER D 180 -16.25 -3.08 -6.41
C SER D 180 -16.84 -3.89 -7.57
N LYS D 181 -17.46 -3.20 -8.55
CA LYS D 181 -18.18 -3.82 -9.66
C LYS D 181 -17.34 -4.74 -10.54
N TYR D 182 -16.06 -4.41 -10.79
CA TYR D 182 -15.22 -5.20 -11.68
C TYR D 182 -13.83 -5.50 -11.13
N SER D 183 -13.28 -6.65 -11.55
CA SER D 183 -11.92 -7.06 -11.19
C SER D 183 -11.08 -7.21 -12.47
N ASP D 184 -11.74 -7.13 -13.64
CA ASP D 184 -11.12 -7.24 -14.94
C ASP D 184 -11.46 -5.96 -15.73
N ILE D 185 -10.41 -5.17 -16.06
CA ILE D 185 -10.57 -3.86 -16.73
C ILE D 185 -11.15 -3.97 -18.16
N THR D 186 -10.83 -5.08 -18.89
CA THR D 186 -11.37 -5.26 -20.26
C THR D 186 -12.87 -5.56 -20.19
N ILE D 187 -13.33 -6.31 -19.14
CA ILE D 187 -14.74 -6.65 -18.90
C ILE D 187 -15.50 -5.37 -18.56
N MET D 188 -14.91 -4.55 -17.69
CA MET D 188 -15.47 -3.25 -17.28
C MET D 188 -15.73 -2.43 -18.56
N PHE D 189 -14.74 -2.32 -19.44
CA PHE D 189 -14.85 -1.58 -20.68
C PHE D 189 -15.94 -2.14 -21.59
N GLU D 190 -15.92 -3.46 -21.80
CA GLU D 190 -16.90 -4.13 -22.67
C GLU D 190 -18.35 -3.88 -22.23
N GLU D 191 -18.62 -4.04 -20.94
CA GLU D 191 -19.96 -3.91 -20.37
C GLU D 191 -20.45 -2.46 -20.21
N THR D 192 -19.57 -1.53 -19.77
CA THR D 192 -20.01 -0.16 -19.49
C THR D 192 -19.72 0.88 -20.59
N GLN D 193 -18.76 0.61 -21.49
CA GLN D 193 -18.39 1.61 -22.50
C GLN D 193 -18.84 1.28 -23.91
N VAL D 194 -18.64 0.01 -24.35
CA VAL D 194 -18.92 -0.43 -25.73
C VAL D 194 -20.39 -0.11 -26.18
N PRO D 195 -21.46 -0.35 -25.40
CA PRO D 195 -22.82 -0.05 -25.92
C PRO D 195 -23.03 1.42 -26.30
N ALA D 196 -22.51 2.37 -25.49
CA ALA D 196 -22.59 3.80 -25.81
C ALA D 196 -21.79 4.15 -27.06
N LEU D 197 -20.63 3.48 -27.27
CA LEU D 197 -19.79 3.68 -28.46
C LEU D 197 -20.51 3.20 -29.73
N LEU D 198 -21.23 2.07 -29.63
CA LEU D 198 -22.00 1.51 -30.74
C LEU D 198 -23.18 2.42 -31.09
N GLU D 199 -23.86 2.95 -30.05
CA GLU D 199 -24.99 3.89 -30.15
C GLU D 199 -24.53 5.18 -30.84
N ALA D 200 -23.29 5.62 -30.55
CA ALA D 200 -22.67 6.83 -31.12
C ALA D 200 -22.43 6.70 -32.64
N GLY D 201 -22.42 5.48 -33.19
CA GLY D 201 -22.22 5.25 -34.61
C GLY D 201 -21.00 4.43 -34.99
N PHE D 202 -20.18 4.06 -33.99
CA PHE D 202 -18.97 3.28 -34.22
C PHE D 202 -19.29 1.79 -34.33
N ARG D 203 -18.57 1.06 -35.18
CA ARG D 203 -18.81 -0.38 -35.34
C ARG D 203 -17.89 -1.16 -34.40
N ARG D 204 -18.35 -2.32 -33.88
CA ARG D 204 -17.56 -3.12 -32.94
C ARG D 204 -16.16 -3.50 -33.46
N GLU D 205 -16.05 -3.81 -34.78
CA GLU D 205 -14.76 -4.17 -35.40
C GLU D 205 -13.78 -3.00 -35.43
N ASN D 206 -14.27 -1.75 -35.28
CA ASN D 206 -13.41 -0.56 -35.27
C ASN D 206 -13.11 -0.06 -33.84
N ILE D 207 -13.45 -0.86 -32.82
CA ILE D 207 -13.16 -0.54 -31.42
C ILE D 207 -12.10 -1.51 -30.94
N ARG D 208 -10.95 -0.95 -30.54
CA ARG D 208 -9.82 -1.71 -29.98
C ARG D 208 -9.42 -1.11 -28.63
N THR D 209 -8.74 -1.91 -27.79
CA THR D 209 -8.27 -1.46 -26.51
C THR D 209 -6.83 -1.90 -26.25
N GLU D 210 -6.13 -1.13 -25.43
CA GLU D 210 -4.75 -1.42 -25.03
C GLU D 210 -4.72 -1.41 -23.52
N VAL D 211 -4.34 -2.52 -22.86
CA VAL D 211 -4.17 -2.52 -21.41
C VAL D 211 -2.69 -2.23 -21.10
N MET D 212 -2.40 -1.41 -20.07
CA MET D 212 -1.02 -1.17 -19.66
C MET D 212 -0.89 -1.30 -18.15
N ALA D 213 0.26 -1.76 -17.69
CA ALA D 213 0.51 -1.93 -16.26
C ALA D 213 0.98 -0.59 -15.74
N LEU D 214 0.34 -0.10 -14.66
CA LEU D 214 0.64 1.17 -14.00
C LEU D 214 0.02 1.11 -12.61
N VAL D 215 0.87 1.14 -11.59
CA VAL D 215 0.43 1.09 -10.21
C VAL D 215 0.29 2.53 -9.69
N PRO D 216 -0.92 2.94 -9.25
CA PRO D 216 -1.08 4.31 -8.74
C PRO D 216 -0.44 4.48 -7.35
N PRO D 217 -0.24 5.76 -6.93
CA PRO D 217 0.37 6.01 -5.61
C PRO D 217 -0.53 5.52 -4.49
N ALA D 218 0.10 5.30 -3.33
CA ALA D 218 -0.61 4.82 -2.14
C ALA D 218 -1.72 5.80 -1.70
N ASP D 219 -1.53 7.09 -1.93
CA ASP D 219 -2.49 8.10 -1.45
C ASP D 219 -3.54 8.51 -2.49
N CYS D 220 -3.57 7.84 -3.67
CA CYS D 220 -4.54 8.18 -4.71
C CYS D 220 -5.96 7.75 -4.30
N ARG D 221 -6.84 8.73 -4.04
CA ARG D 221 -8.18 8.41 -3.58
C ARG D 221 -9.14 8.05 -4.74
N TYR D 222 -8.82 8.38 -6.00
CA TYR D 222 -9.79 8.13 -7.11
C TYR D 222 -9.47 6.89 -7.99
N TYR D 223 -8.25 6.34 -7.84
CA TYR D 223 -7.81 5.19 -8.63
C TYR D 223 -6.87 4.28 -7.82
N ALA D 224 -7.18 2.98 -7.77
CA ALA D 224 -6.38 1.99 -7.04
C ALA D 224 -6.01 0.77 -7.90
N PHE D 225 -6.69 0.59 -9.05
CA PHE D 225 -6.43 -0.56 -9.93
C PHE D 225 -5.02 -0.51 -10.55
N PRO D 226 -4.27 -1.66 -10.59
CA PRO D 226 -2.90 -1.61 -11.10
C PRO D 226 -2.77 -1.67 -12.63
N GLN D 227 -3.84 -1.35 -13.35
CA GLN D 227 -3.84 -1.33 -14.81
C GLN D 227 -4.67 -0.16 -15.30
N MET D 228 -4.33 0.32 -16.51
CA MET D 228 -5.04 1.37 -17.23
C MET D 228 -5.50 0.76 -18.55
N ILE D 229 -6.59 1.30 -19.13
CA ILE D 229 -7.06 0.82 -20.43
C ILE D 229 -7.15 2.01 -21.41
N THR D 230 -6.55 1.87 -22.61
CA THR D 230 -6.58 2.92 -23.63
C THR D 230 -7.53 2.51 -24.76
N PRO D 231 -8.64 3.22 -24.97
CA PRO D 231 -9.51 2.88 -26.11
C PRO D 231 -9.01 3.50 -27.41
N LEU D 232 -9.22 2.81 -28.54
CA LEU D 232 -8.89 3.30 -29.88
C LEU D 232 -10.15 3.03 -30.70
N VAL D 233 -10.94 4.08 -30.91
CA VAL D 233 -12.25 4.01 -31.55
C VAL D 233 -12.16 4.68 -32.90
N THR D 234 -12.16 3.87 -33.98
CA THR D 234 -11.98 4.35 -35.36
C THR D 234 -13.32 4.57 -36.06
N LYS D 235 -13.45 5.72 -36.78
CA LYS D 235 -14.64 6.02 -37.56
C LYS D 235 -14.55 5.24 -38.88
N GLY D 236 -15.66 4.63 -39.29
CA GLY D 236 -15.72 3.84 -40.53
C GLY D 236 -15.60 4.65 -41.81
N SAH E . -21.99 20.52 16.31
CA SAH E . -22.68 19.89 15.14
CB SAH E . -21.68 19.05 14.33
CG SAH E . -20.73 19.95 13.58
SD SAH E . -19.79 19.05 12.32
C SAH E . -23.85 19.02 15.58
O SAH E . -24.22 18.98 16.74
OXT SAH E . -24.50 18.29 14.71
C5' SAH E . -18.61 20.30 11.72
C4' SAH E . -19.23 21.19 10.63
O4' SAH E . -18.31 22.24 10.20
C3' SAH E . -19.63 20.46 9.31
O3' SAH E . -20.99 20.78 8.90
C2' SAH E . -18.56 20.94 8.28
O2' SAH E . -18.94 20.94 6.93
C1' SAH E . -18.39 22.41 8.75
N9 SAH E . -17.08 23.04 8.53
C8 SAH E . -15.84 22.51 8.67
N7 SAH E . -14.91 23.46 8.54
C5 SAH E . -15.56 24.66 8.43
C6 SAH E . -15.18 26.04 8.26
N6 SAH E . -13.85 26.44 8.23
N1 SAH E . -16.15 26.96 8.15
C2 SAH E . -17.46 26.68 8.18
N3 SAH E . -17.82 25.38 8.31
C4 SAH E . -16.94 24.38 8.43
N SAH F . 20.67 0.45 -1.83
CA SAH F . 20.39 -0.46 -2.93
CB SAH F . 19.34 -1.51 -2.47
CG SAH F . 19.91 -2.39 -1.39
SD SAH F . 18.81 -3.81 -1.29
C SAH F . 19.92 0.22 -4.19
O SAH F . 19.93 1.45 -4.34
OXT SAH F . 19.49 -0.54 -5.16
C5' SAH F . 19.65 -4.67 0.09
C4' SAH F . 20.90 -5.50 -0.38
O4' SAH F . 21.43 -6.04 0.81
C3' SAH F . 20.58 -6.73 -1.26
O3' SAH F . 21.44 -6.77 -2.42
C2' SAH F . 20.70 -7.97 -0.32
O2' SAH F . 21.03 -9.15 -1.06
C1' SAH F . 21.83 -7.46 0.61
N9 SAH F . 21.93 -8.00 1.95
C8 SAH F . 20.89 -8.35 2.87
N7 SAH F . 21.48 -8.69 4.02
C5 SAH F . 22.84 -8.45 3.93
C6 SAH F . 23.97 -8.66 4.82
N6 SAH F . 23.74 -9.05 6.14
N1 SAH F . 25.20 -8.41 4.33
C2 SAH F . 25.41 -8.01 3.09
N3 SAH F . 24.42 -7.82 2.21
C4 SAH F . 23.13 -8.03 2.60
N SAH G . 5.14 -36.16 6.30
CA SAH G . 5.86 -35.36 7.32
CB SAH G . 5.78 -33.89 6.97
CG SAH G . 6.69 -33.63 5.76
SD SAH G . 7.13 -31.88 5.73
C SAH G . 5.30 -35.67 8.70
O SAH G . 4.48 -36.55 8.86
OXT SAH G . 5.75 -34.98 9.73
C5' SAH G . 8.11 -31.79 4.13
C4' SAH G . 9.61 -32.21 4.30
O4' SAH G . 10.30 -32.21 3.01
C3' SAH G . 10.36 -31.20 5.14
O3' SAH G . 11.12 -31.89 6.14
C2' SAH G . 11.28 -30.47 4.09
O2' SAH G . 12.55 -30.04 4.59
C1' SAH G . 11.61 -31.61 3.13
N9 SAH G . 11.89 -31.26 1.75
C8 SAH G . 11.30 -30.22 0.95
N7 SAH G . 11.74 -30.32 -0.31
C5 SAH G . 12.55 -31.44 -0.37
C6 SAH G . 13.27 -32.10 -1.38
N6 SAH G . 13.25 -31.63 -2.64
N1 SAH G . 14.02 -33.19 -1.09
C2 SAH G . 14.10 -33.68 0.16
N3 SAH G . 13.40 -33.10 1.16
C4 SAH G . 12.65 -32.02 0.95
N SAH H . -4.96 15.06 -20.47
CA SAH H . -4.61 16.08 -19.49
CB SAH H . -5.45 15.92 -18.24
CG SAH H . -6.61 16.96 -18.26
SD SAH H . -7.31 17.31 -16.62
C SAH H . -3.12 16.02 -19.22
O SAH H . -2.43 15.24 -19.85
OXT SAH H . -2.52 16.80 -18.34
C5' SAH H . -9.08 17.69 -17.03
C4' SAH H . -9.19 19.09 -17.72
O4' SAH H . -10.50 19.33 -18.37
C3' SAH H . -8.92 20.29 -16.80
O3' SAH H . -8.03 21.18 -17.53
C2' SAH H . -10.37 20.83 -16.64
O2' SAH H . -10.46 22.26 -16.28
C1' SAH H . -10.94 20.64 -18.06
N9 SAH H . -12.39 20.48 -18.13
C8 SAH H . -13.22 19.83 -17.23
N7 SAH H . -14.43 19.76 -17.70
C5 SAH H . -14.49 20.37 -18.94
C6 SAH H . -15.54 20.64 -19.88
N6 SAH H . -16.79 20.22 -19.56
N1 SAH H . -15.28 21.26 -21.05
C2 SAH H . -13.98 21.67 -21.27
N3 SAH H . -12.96 21.53 -20.41
C4 SAH H . -13.16 20.83 -19.24
#